data_4ME4
#
_entry.id   4ME4
#
_cell.length_a   70.090
_cell.length_b   181.120
_cell.length_c   231.510
_cell.angle_alpha   90.00
_cell.angle_beta   90.00
_cell.angle_gamma   90.00
#
_symmetry.space_group_name_H-M   'I 2 2 2'
#
loop_
_entity.id
_entity.type
_entity.pdbx_description
1 polymer 'Metal dependent phosphohydrolase'
2 non-polymer 'FE (III) ION'
3 non-polymer 'SUCCINIC ACID'
4 non-polymer IMIDAZOLE
5 non-polymer "GUANOSINE-5'-MONOPHOSPHATE"
6 water water
#
_entity_poly.entity_id   1
_entity_poly.type   'polypeptide(L)'
_entity_poly.pdbx_seq_one_letter_code
;GPGYQDPERKLKILLDYSSKIANEKDLRNVLLFLTDLAKEIMEADRASIFLYDDQKKTLWTIVAHGVDRIEIDADKGIAG
YVFRTGEILNIPDAYKDPRFDRDIDKRTGYRTRTILAVPLFDRKQNIIGVFQVINKLTNSVFTEEDIELLRHISLYASST
IENAILYEKLKKAHEDVIYRLSHATKFKDPETQNHIIRVGLYAEILAREAGLDEEDVELVKLAAPMHDIGKVGIPDRVLL
KPGKLNDEEWEIMKKHTIYGYEILKGGDSRLLQIAADIAIEHHERWDGTGYPFGKKGEEISIYGRMTSISDVFDALTSDR
PYKKAWDMDRTVRFFKEQKGKHFDPFLTDIFLKNIDQMFSIKRELRDED
;
_entity_poly.pdbx_strand_id   A,B
#
# COMPACT_ATOMS: atom_id res chain seq x y z
N ASP A 6 27.74 -27.99 -4.67
CA ASP A 6 28.48 -27.03 -3.81
C ASP A 6 28.72 -25.65 -4.46
N PRO A 7 28.56 -25.54 -5.79
CA PRO A 7 28.27 -24.22 -6.41
C PRO A 7 26.93 -23.69 -5.94
N GLU A 8 26.23 -24.51 -5.18
CA GLU A 8 25.00 -24.12 -4.53
C GLU A 8 25.21 -23.25 -3.29
N ARG A 9 26.45 -22.90 -2.97
CA ARG A 9 26.68 -21.91 -1.93
C ARG A 9 26.02 -20.58 -2.30
N LYS A 10 26.35 -20.05 -3.47
CA LYS A 10 25.79 -18.77 -3.89
C LYS A 10 24.29 -18.81 -4.14
N LEU A 11 23.77 -19.94 -4.61
CA LEU A 11 22.32 -20.06 -4.68
C LEU A 11 21.72 -19.83 -3.31
N LYS A 12 22.32 -20.38 -2.27
CA LYS A 12 21.70 -20.31 -0.95
C LYS A 12 21.88 -18.91 -0.38
N ILE A 13 23.01 -18.30 -0.64
CA ILE A 13 23.20 -16.93 -0.23
C ILE A 13 22.13 -16.04 -0.86
N LEU A 14 21.93 -16.18 -2.16
CA LEU A 14 20.93 -15.40 -2.86
C LEU A 14 19.53 -15.62 -2.33
N LEU A 15 19.17 -16.85 -2.01
CA LEU A 15 17.81 -17.06 -1.56
C LEU A 15 17.56 -16.43 -0.18
N ASP A 16 18.60 -16.41 0.67
CA ASP A 16 18.57 -15.77 1.99
C ASP A 16 18.38 -14.28 1.89
N TYR A 17 19.18 -13.63 1.04
CA TYR A 17 19.03 -12.23 0.81
C TYR A 17 17.66 -11.87 0.25
N SER A 18 17.21 -12.62 -0.75
CA SER A 18 15.97 -12.24 -1.41
C SER A 18 14.76 -12.54 -0.56
N SER A 19 14.89 -13.45 0.41
CA SER A 19 13.88 -13.60 1.48
C SER A 19 13.79 -12.36 2.35
N LYS A 20 14.94 -11.77 2.65
CA LYS A 20 14.98 -10.63 3.56
C LYS A 20 14.40 -9.42 2.83
N ILE A 21 14.80 -9.24 1.58
CA ILE A 21 14.29 -8.18 0.75
C ILE A 21 12.77 -8.24 0.56
N ALA A 22 12.25 -9.40 0.16
CA ALA A 22 10.82 -9.54 -0.04
C ALA A 22 9.99 -9.10 1.18
N ASN A 23 10.58 -9.20 2.37
CA ASN A 23 9.93 -8.81 3.61
C ASN A 23 10.10 -7.33 3.91
N GLU A 24 11.19 -6.75 3.42
CA GLU A 24 11.61 -5.43 3.81
C GLU A 24 10.73 -4.30 3.26
N LYS A 25 10.09 -3.56 4.17
CA LYS A 25 9.20 -2.47 3.78
C LYS A 25 9.91 -1.13 3.54
N ASP A 26 11.13 -0.99 4.04
CA ASP A 26 11.83 0.29 4.03
C ASP A 26 12.90 0.32 2.96
N LEU A 27 12.81 1.29 2.06
CA LEU A 27 13.72 1.39 0.90
C LEU A 27 15.19 1.41 1.31
N ARG A 28 15.50 2.20 2.32
CA ARG A 28 16.80 2.29 2.94
C ARG A 28 17.41 0.89 3.08
N ASN A 29 16.70 0.01 3.78
CA ASN A 29 17.18 -1.34 4.06
C ASN A 29 17.32 -2.21 2.80
N VAL A 30 16.37 -2.09 1.90
CA VAL A 30 16.44 -2.78 0.64
C VAL A 30 17.73 -2.47 -0.08
N LEU A 31 18.15 -1.21 -0.10
CA LEU A 31 19.44 -0.87 -0.73
C LEU A 31 20.61 -1.50 0.00
N LEU A 32 20.55 -1.57 1.33
CA LEU A 32 21.63 -2.16 2.09
C LEU A 32 21.71 -3.66 1.78
N PHE A 33 20.55 -4.34 1.78
CA PHE A 33 20.54 -5.76 1.48
C PHE A 33 21.12 -6.01 0.07
N LEU A 34 20.67 -5.25 -0.91
CA LEU A 34 21.21 -5.44 -2.25
C LEU A 34 22.73 -5.29 -2.32
N THR A 35 23.31 -4.31 -1.61
CA THR A 35 24.77 -4.11 -1.75
C THR A 35 25.53 -5.21 -1.02
N ASP A 36 24.97 -5.68 0.07
CA ASP A 36 25.57 -6.82 0.73
C ASP A 36 25.49 -8.07 -0.17
N LEU A 37 24.33 -8.31 -0.76
CA LEU A 37 24.16 -9.38 -1.72
C LEU A 37 25.23 -9.30 -2.78
N ALA A 38 25.39 -8.13 -3.37
CA ALA A 38 26.30 -8.00 -4.49
C ALA A 38 27.73 -8.28 -4.01
N LYS A 39 28.09 -7.78 -2.83
CA LYS A 39 29.41 -8.07 -2.29
C LYS A 39 29.68 -9.57 -2.22
N GLU A 40 28.80 -10.33 -1.60
CA GLU A 40 29.00 -11.78 -1.50
C GLU A 40 29.00 -12.50 -2.84
N ILE A 41 28.05 -12.17 -3.72
CA ILE A 41 27.88 -12.85 -5.01
C ILE A 41 28.95 -12.50 -6.05
N MET A 42 29.37 -11.23 -6.06
CA MET A 42 30.47 -10.82 -6.94
C MET A 42 31.83 -11.09 -6.31
N GLU A 43 31.85 -11.58 -5.08
CA GLU A 43 33.11 -11.73 -4.32
C GLU A 43 33.94 -10.43 -4.37
N ALA A 44 33.29 -9.35 -3.96
CA ALA A 44 33.95 -8.05 -3.93
C ALA A 44 33.95 -7.42 -2.53
N ASP A 45 34.82 -6.46 -2.32
CA ASP A 45 34.95 -5.88 -0.98
C ASP A 45 33.89 -4.83 -0.64
N ARG A 46 33.41 -4.09 -1.64
CA ARG A 46 32.48 -2.98 -1.45
C ARG A 46 31.48 -2.91 -2.61
N ALA A 47 30.27 -2.46 -2.33
CA ALA A 47 29.34 -2.09 -3.40
C ALA A 47 28.48 -0.88 -3.01
N SER A 48 27.96 -0.16 -4.01
CA SER A 48 27.14 1.01 -3.77
C SER A 48 26.05 1.08 -4.80
N ILE A 49 24.87 1.50 -4.37
CA ILE A 49 23.82 1.88 -5.29
C ILE A 49 23.58 3.39 -5.25
N PHE A 50 23.46 3.97 -6.44
CA PHE A 50 23.18 5.38 -6.62
C PHE A 50 21.83 5.52 -7.31
N LEU A 51 20.96 6.36 -6.74
CA LEU A 51 19.70 6.64 -7.38
C LEU A 51 19.57 8.12 -7.67
N TYR A 52 18.76 8.46 -8.67
CA TYR A 52 18.63 9.85 -9.09
C TYR A 52 17.46 10.56 -8.43
N ASP A 53 17.60 11.86 -8.24
CA ASP A 53 16.54 12.73 -7.70
C ASP A 53 16.12 13.80 -8.72
N ASP A 54 14.87 13.72 -9.20
CA ASP A 54 14.31 14.74 -10.13
C ASP A 54 14.49 16.16 -9.63
N GLN A 55 14.22 16.36 -8.33
CA GLN A 55 14.19 17.67 -7.71
C GLN A 55 15.58 18.28 -7.60
N LYS A 56 16.41 17.76 -6.69
CA LYS A 56 17.74 18.33 -6.44
C LYS A 56 18.74 18.12 -7.58
N LYS A 57 18.36 17.27 -8.54
CA LYS A 57 19.14 16.96 -9.77
C LYS A 57 20.52 16.37 -9.48
N THR A 58 20.54 15.46 -8.49
CA THR A 58 21.76 14.76 -8.10
C THR A 58 21.45 13.29 -7.92
N LEU A 59 22.52 12.49 -7.93
CA LEU A 59 22.46 11.12 -7.49
C LEU A 59 22.63 11.11 -5.99
N TRP A 60 22.19 10.02 -5.37
CA TRP A 60 22.42 9.84 -3.95
C TRP A 60 22.58 8.39 -3.61
N THR A 61 23.17 8.16 -2.44
CA THR A 61 23.45 6.84 -1.94
C THR A 61 23.40 6.89 -0.43
N ILE A 62 23.13 5.76 0.21
CA ILE A 62 23.13 5.71 1.66
C ILE A 62 24.24 4.78 2.08
N VAL A 63 25.00 5.18 3.09
CA VAL A 63 25.95 4.25 3.71
C VAL A 63 25.32 3.52 4.90
N ALA A 64 25.84 2.32 5.13
CA ALA A 64 25.45 1.49 6.26
C ALA A 64 25.55 2.29 7.56
N HIS A 65 24.93 1.76 8.61
CA HIS A 65 24.79 2.44 9.91
C HIS A 65 23.51 3.24 9.95
N GLY A 66 22.91 3.48 8.78
CA GLY A 66 21.65 4.21 8.69
C GLY A 66 21.72 5.73 8.79
N VAL A 67 22.86 6.30 8.43
CA VAL A 67 23.06 7.75 8.44
C VAL A 67 22.19 8.39 7.34
N ASP A 68 22.31 9.70 7.15
CA ASP A 68 21.61 10.39 6.06
C ASP A 68 22.08 9.94 4.68
N ARG A 69 21.33 10.35 3.65
CA ARG A 69 21.72 10.09 2.28
C ARG A 69 22.83 11.04 1.87
N ILE A 70 23.81 10.55 1.13
CA ILE A 70 24.91 11.38 0.64
C ILE A 70 24.59 11.77 -0.79
N GLU A 71 24.65 13.06 -1.07
CA GLU A 71 24.38 13.52 -2.42
C GLU A 71 25.65 13.57 -3.26
N ILE A 72 25.51 13.15 -4.51
CA ILE A 72 26.63 12.95 -5.45
C ILE A 72 26.33 13.73 -6.72
N ASP A 73 27.36 14.38 -7.26
CA ASP A 73 27.23 15.10 -8.53
C ASP A 73 26.96 14.16 -9.71
N ALA A 74 25.76 14.28 -10.29
CA ALA A 74 25.32 13.46 -11.41
C ALA A 74 26.10 13.69 -12.71
N ASP A 75 26.96 14.70 -12.74
CA ASP A 75 27.75 15.01 -13.95
C ASP A 75 29.16 14.44 -13.90
N LYS A 76 29.90 14.77 -12.84
CA LYS A 76 31.27 14.31 -12.67
C LYS A 76 31.31 12.94 -11.97
N GLY A 77 32.44 12.24 -12.10
CA GLY A 77 32.68 11.01 -11.35
C GLY A 77 32.43 9.77 -12.16
N ILE A 78 32.54 8.63 -11.50
CA ILE A 78 32.36 7.37 -12.18
C ILE A 78 30.89 7.04 -12.35
N ALA A 79 30.16 7.07 -11.23
CA ALA A 79 28.71 6.92 -11.25
C ALA A 79 28.05 7.96 -12.15
N GLY A 80 28.54 9.20 -12.07
CA GLY A 80 28.07 10.28 -12.95
C GLY A 80 28.13 9.86 -14.40
N TYR A 81 29.31 9.36 -14.79
CA TYR A 81 29.52 8.95 -16.16
C TYR A 81 28.50 7.88 -16.57
N VAL A 82 28.40 6.82 -15.77
CA VAL A 82 27.51 5.73 -16.09
C VAL A 82 26.08 6.25 -16.18
N PHE A 83 25.74 7.24 -15.36
CA PHE A 83 24.35 7.75 -15.32
C PHE A 83 23.99 8.54 -16.57
N ARG A 84 24.92 9.39 -17.03
CA ARG A 84 24.68 10.23 -18.20
C ARG A 84 24.61 9.40 -19.49
N THR A 85 25.53 8.47 -19.64
CA THR A 85 25.79 7.79 -20.91
C THR A 85 25.07 6.47 -21.04
N GLY A 86 24.80 5.82 -19.92
CA GLY A 86 24.19 4.48 -19.95
C GLY A 86 25.19 3.39 -20.32
N GLU A 87 26.47 3.75 -20.41
CA GLU A 87 27.49 2.77 -20.74
C GLU A 87 28.09 2.14 -19.48
N ILE A 88 28.58 0.91 -19.63
CA ILE A 88 29.26 0.20 -18.56
C ILE A 88 30.69 0.71 -18.39
N LEU A 89 31.19 0.75 -17.17
CA LEU A 89 32.54 1.24 -16.93
C LEU A 89 33.23 0.20 -16.07
N ASN A 90 34.37 -0.28 -16.57
CA ASN A 90 35.15 -1.31 -15.91
C ASN A 90 36.56 -0.78 -15.81
N ILE A 91 36.93 -0.35 -14.60
CA ILE A 91 38.23 0.26 -14.35
C ILE A 91 39.12 -0.76 -13.63
N PRO A 92 40.25 -1.12 -14.26
CA PRO A 92 41.15 -2.07 -13.58
C PRO A 92 41.98 -1.43 -12.45
N ASP A 93 42.16 -0.11 -12.48
CA ASP A 93 42.92 0.62 -11.44
C ASP A 93 42.46 2.06 -11.32
N ALA A 94 41.67 2.33 -10.30
CA ALA A 94 41.04 3.63 -10.13
C ALA A 94 42.04 4.76 -10.12
N TYR A 95 43.23 4.52 -9.57
CA TYR A 95 44.24 5.56 -9.42
C TYR A 95 44.94 5.91 -10.72
N LYS A 96 44.38 5.48 -11.83
CA LYS A 96 44.92 5.78 -13.15
C LYS A 96 43.83 6.42 -14.00
N ASP A 97 42.62 6.43 -13.48
CA ASP A 97 41.49 6.93 -14.22
C ASP A 97 41.20 8.33 -13.73
N PRO A 98 41.09 9.31 -14.67
CA PRO A 98 40.88 10.72 -14.31
C PRO A 98 39.49 10.97 -13.70
N ARG A 99 38.51 10.14 -14.04
CA ARG A 99 37.15 10.29 -13.54
C ARG A 99 37.04 9.90 -12.08
N PHE A 100 38.12 9.38 -11.50
CA PHE A 100 38.05 8.90 -10.12
C PHE A 100 38.39 9.99 -9.12
N ASP A 101 37.53 10.17 -8.14
CA ASP A 101 37.81 11.09 -7.05
C ASP A 101 38.35 10.33 -5.85
N ARG A 102 39.60 10.61 -5.51
CA ARG A 102 40.31 9.81 -4.54
C ARG A 102 40.06 10.21 -3.08
N ASP A 103 39.20 11.20 -2.87
CA ASP A 103 38.96 11.73 -1.52
C ASP A 103 38.27 10.75 -0.59
N ILE A 104 37.51 9.82 -1.17
CA ILE A 104 36.79 8.83 -0.38
C ILE A 104 37.77 7.94 0.34
N ASP A 105 38.77 7.48 -0.39
CA ASP A 105 39.85 6.68 0.19
C ASP A 105 40.53 7.47 1.29
N LYS A 106 40.75 8.76 1.01
CA LYS A 106 41.50 9.68 1.87
C LYS A 106 40.93 9.83 3.29
N ARG A 107 39.60 9.89 3.40
CA ARG A 107 38.90 9.99 4.68
C ARG A 107 38.82 8.65 5.44
N THR A 108 38.69 7.57 4.68
CA THR A 108 38.35 6.25 5.22
C THR A 108 39.56 5.39 5.57
N GLY A 109 40.71 5.70 4.98
CA GLY A 109 41.88 4.82 5.00
C GLY A 109 41.72 3.64 4.06
N TYR A 110 40.84 3.80 3.06
CA TYR A 110 40.56 2.80 2.03
C TYR A 110 41.44 3.00 0.79
N ARG A 111 41.66 1.92 0.01
CA ARG A 111 42.38 2.02 -1.29
C ARG A 111 41.60 1.34 -2.42
N THR A 112 40.93 2.15 -3.21
CA THR A 112 40.14 1.66 -4.29
C THR A 112 41.05 1.26 -5.46
N ARG A 113 40.86 0.04 -5.96
CA ARG A 113 41.63 -0.50 -7.09
C ARG A 113 40.72 -0.74 -8.30
N THR A 114 39.85 -1.72 -8.20
CA THR A 114 38.96 -2.02 -9.29
C THR A 114 37.57 -1.46 -9.05
N ILE A 115 37.00 -0.88 -10.09
CA ILE A 115 35.62 -0.39 -10.05
C ILE A 115 34.87 -0.90 -11.26
N LEU A 116 33.76 -1.57 -11.01
CA LEU A 116 32.84 -1.93 -12.08
C LEU A 116 31.46 -1.26 -11.82
N ALA A 117 30.97 -0.49 -12.78
CA ALA A 117 29.71 0.28 -12.61
C ALA A 117 28.75 0.10 -13.79
N VAL A 118 27.50 -0.26 -13.50
CA VAL A 118 26.49 -0.49 -14.54
C VAL A 118 25.23 0.32 -14.26
N PRO A 119 24.47 0.68 -15.33
CA PRO A 119 23.22 1.43 -15.15
C PRO A 119 22.08 0.61 -14.58
N LEU A 120 21.21 1.30 -13.84
CA LEU A 120 19.92 0.77 -13.45
C LEU A 120 18.82 1.37 -14.34
N PHE A 121 17.92 0.52 -14.83
CA PHE A 121 16.85 0.93 -15.74
C PHE A 121 15.52 0.63 -15.06
N ASP A 122 14.51 1.48 -15.28
CA ASP A 122 13.15 1.17 -14.79
C ASP A 122 12.34 0.39 -15.86
N ARG A 123 11.14 -0.04 -15.47
CA ARG A 123 10.20 -0.71 -16.37
C ARG A 123 10.20 -0.04 -17.77
N LYS A 124 9.84 1.24 -17.82
CA LYS A 124 9.90 2.08 -19.03
C LYS A 124 11.29 2.23 -19.66
N GLN A 125 12.33 1.66 -19.07
CA GLN A 125 13.66 1.64 -19.70
C GLN A 125 14.50 2.93 -19.60
N ASN A 126 14.08 3.86 -18.73
CA ASN A 126 14.92 5.01 -18.36
C ASN A 126 16.04 4.65 -17.37
N ILE A 127 17.19 5.32 -17.51
CA ILE A 127 18.28 5.19 -16.54
C ILE A 127 17.92 5.86 -15.20
N ILE A 128 17.73 5.05 -14.17
CA ILE A 128 17.33 5.55 -12.85
C ILE A 128 18.46 5.55 -11.81
N GLY A 129 19.58 4.94 -12.14
CA GLY A 129 20.71 4.89 -11.23
C GLY A 129 21.93 4.13 -11.71
N VAL A 130 22.81 3.83 -10.76
CA VAL A 130 24.04 3.11 -11.02
C VAL A 130 24.28 2.08 -9.92
N PHE A 131 24.62 0.86 -10.33
CA PHE A 131 25.08 -0.17 -9.39
C PHE A 131 26.60 -0.27 -9.56
N GLN A 132 27.35 -0.08 -8.48
CA GLN A 132 28.80 -0.07 -8.56
C GLN A 132 29.36 -1.07 -7.58
N VAL A 133 30.30 -1.88 -8.06
CA VAL A 133 30.98 -2.90 -7.27
C VAL A 133 32.48 -2.55 -7.30
N ILE A 134 33.14 -2.71 -6.15
CA ILE A 134 34.51 -2.21 -5.97
C ILE A 134 35.43 -3.24 -5.31
N ASN A 135 36.68 -3.26 -5.78
CA ASN A 135 37.74 -4.14 -5.21
C ASN A 135 37.40 -5.63 -5.15
N LYS A 136 37.40 -6.27 -6.33
CA LYS A 136 37.21 -7.72 -6.42
C LYS A 136 38.29 -8.43 -5.63
N LEU A 137 37.89 -9.46 -4.90
CA LEU A 137 38.75 -10.08 -3.92
C LEU A 137 39.92 -10.88 -4.50
N THR A 138 39.97 -11.02 -5.83
CA THR A 138 41.15 -11.58 -6.48
C THR A 138 42.30 -10.57 -6.50
N ASN A 139 41.99 -9.29 -6.25
CA ASN A 139 42.95 -8.22 -6.46
C ASN A 139 43.32 -8.03 -7.92
N SER A 140 42.49 -8.57 -8.79
CA SER A 140 42.69 -8.43 -10.20
C SER A 140 41.39 -7.87 -10.79
N VAL A 141 41.29 -7.83 -12.11
CA VAL A 141 40.24 -7.10 -12.80
C VAL A 141 38.87 -7.77 -12.63
N PHE A 142 37.82 -6.99 -12.91
CA PHE A 142 36.49 -7.60 -13.07
C PHE A 142 36.45 -8.16 -14.47
N THR A 143 36.00 -9.40 -14.60
CA THR A 143 36.04 -10.08 -15.92
C THR A 143 34.76 -9.88 -16.73
N GLU A 144 34.82 -10.21 -18.02
CA GLU A 144 33.60 -10.27 -18.84
C GLU A 144 32.51 -11.12 -18.18
N GLU A 145 32.88 -12.23 -17.55
CA GLU A 145 31.86 -13.02 -16.85
C GLU A 145 31.29 -12.26 -15.64
N ASP A 146 32.14 -11.43 -15.01
CA ASP A 146 31.69 -10.61 -13.87
C ASP A 146 30.68 -9.58 -14.34
N ILE A 147 31.02 -8.89 -15.42
CA ILE A 147 30.11 -7.92 -15.98
C ILE A 147 28.76 -8.54 -16.27
N GLU A 148 28.79 -9.74 -16.81
CA GLU A 148 27.58 -10.45 -17.17
C GLU A 148 26.81 -10.75 -15.89
N LEU A 149 27.49 -11.19 -14.85
CA LEU A 149 26.78 -11.51 -13.60
C LEU A 149 26.17 -10.23 -12.99
N LEU A 150 26.93 -9.15 -13.01
CA LEU A 150 26.49 -7.91 -12.44
C LEU A 150 25.23 -7.43 -13.19
N ARG A 151 25.19 -7.63 -14.50
CA ARG A 151 23.99 -7.29 -15.29
C ARG A 151 22.72 -7.96 -14.77
N HIS A 152 22.79 -9.24 -14.45
CA HIS A 152 21.62 -9.90 -13.89
C HIS A 152 21.33 -9.40 -12.52
N ILE A 153 22.38 -9.07 -11.75
CA ILE A 153 22.14 -8.54 -10.41
C ILE A 153 21.40 -7.20 -10.54
N SER A 154 21.88 -6.34 -11.43
CA SER A 154 21.25 -5.06 -11.68
C SER A 154 19.76 -5.10 -12.04
N LEU A 155 19.36 -6.08 -12.84
CA LEU A 155 17.97 -6.25 -13.17
C LEU A 155 17.13 -6.63 -11.93
N TYR A 156 17.72 -7.44 -11.06
CA TYR A 156 17.01 -7.85 -9.84
C TYR A 156 16.89 -6.64 -8.93
N ALA A 157 17.93 -5.84 -8.92
CA ALA A 157 17.97 -4.64 -8.09
C ALA A 157 16.92 -3.63 -8.55
N SER A 158 16.88 -3.31 -9.84
CA SER A 158 15.81 -2.46 -10.40
C SER A 158 14.44 -2.93 -10.01
N SER A 159 14.15 -4.20 -10.26
CA SER A 159 12.82 -4.71 -9.92
C SER A 159 12.52 -4.50 -8.43
N THR A 160 13.46 -4.89 -7.55
CA THR A 160 13.16 -4.79 -6.13
C THR A 160 13.03 -3.33 -5.70
N ILE A 161 13.89 -2.46 -6.24
CA ILE A 161 13.81 -1.03 -5.93
C ILE A 161 12.46 -0.43 -6.35
N GLU A 162 12.05 -0.71 -7.58
CA GLU A 162 10.83 -0.12 -8.11
C GLU A 162 9.67 -0.62 -7.29
N ASN A 163 9.72 -1.89 -6.96
CA ASN A 163 8.69 -2.50 -6.14
C ASN A 163 8.66 -1.91 -4.71
N ALA A 164 9.80 -1.49 -4.17
CA ALA A 164 9.84 -0.90 -2.83
C ALA A 164 9.33 0.54 -2.86
N ILE A 165 9.68 1.28 -3.92
CA ILE A 165 9.19 2.63 -4.13
C ILE A 165 7.68 2.65 -4.33
N LEU A 166 7.17 1.66 -5.05
CA LEU A 166 5.74 1.57 -5.28
C LEU A 166 4.99 1.34 -3.97
N TYR A 167 5.61 0.62 -3.04
CA TYR A 167 4.97 0.31 -1.78
C TYR A 167 4.98 1.54 -0.88
N GLU A 168 6.09 2.28 -0.89
CA GLU A 168 6.19 3.51 -0.11
C GLU A 168 5.20 4.54 -0.59
N LYS A 169 5.00 4.63 -1.90
CA LYS A 169 4.03 5.58 -2.46
C LYS A 169 2.61 5.21 -2.08
N LEU A 170 2.30 3.91 -2.11
CA LEU A 170 1.02 3.43 -1.63
C LEU A 170 0.83 3.76 -0.14
N LYS A 171 1.80 3.38 0.70
CA LYS A 171 1.81 3.72 2.12
C LYS A 171 1.63 5.21 2.38
N LYS A 172 2.41 6.05 1.71
CA LYS A 172 2.31 7.48 1.87
C LYS A 172 0.91 8.04 1.42
N ALA A 173 0.42 7.59 0.27
CA ALA A 173 -0.93 7.95 -0.18
C ALA A 173 -2.02 7.52 0.81
N HIS A 174 -1.85 6.34 1.40
CA HIS A 174 -2.82 5.81 2.32
C HIS A 174 -2.91 6.69 3.56
N GLU A 175 -1.77 7.17 4.03
CA GLU A 175 -1.80 8.07 5.16
C GLU A 175 -2.38 9.42 4.83
N ASP A 176 -1.90 10.02 3.75
CA ASP A 176 -2.40 11.30 3.28
C ASP A 176 -3.93 11.32 3.21
N VAL A 177 -4.48 10.28 2.62
CA VAL A 177 -5.88 10.22 2.41
C VAL A 177 -6.65 10.17 3.71
N ILE A 178 -6.25 9.30 4.63
CA ILE A 178 -6.88 9.23 5.95
C ILE A 178 -6.73 10.53 6.73
N TYR A 179 -5.57 11.18 6.64
CA TYR A 179 -5.37 12.43 7.37
C TYR A 179 -6.25 13.52 6.81
N ARG A 180 -6.23 13.70 5.49
CA ARG A 180 -6.91 14.83 4.87
C ARG A 180 -8.42 14.68 4.97
N LEU A 181 -8.93 13.52 4.64
CA LEU A 181 -10.36 13.33 4.66
C LEU A 181 -10.86 13.34 6.10
N SER A 182 -10.01 12.94 7.05
CA SER A 182 -10.42 12.99 8.44
C SER A 182 -10.63 14.45 8.85
N HIS A 183 -9.85 15.36 8.30
CA HIS A 183 -10.00 16.78 8.54
C HIS A 183 -11.02 17.41 7.61
N ALA A 184 -11.90 16.60 6.99
CA ALA A 184 -12.95 17.17 6.12
C ALA A 184 -13.85 18.12 6.91
N THR A 185 -13.89 17.93 8.24
CA THR A 185 -14.66 18.77 9.18
C THR A 185 -14.11 20.17 9.35
N LYS A 186 -13.08 20.53 8.58
CA LYS A 186 -12.33 21.75 8.87
C LYS A 186 -13.12 23.02 8.69
N PHE A 187 -14.23 22.95 7.96
CA PHE A 187 -15.00 24.18 7.69
C PHE A 187 -15.99 24.50 8.81
N LYS A 188 -16.40 23.50 9.58
CA LYS A 188 -17.43 23.69 10.58
C LYS A 188 -17.01 23.30 12.01
N ASP A 189 -15.73 22.98 12.22
CA ASP A 189 -15.23 22.50 13.51
C ASP A 189 -13.76 22.85 13.68
N PRO A 190 -13.35 23.21 14.91
CA PRO A 190 -11.98 23.75 15.04
C PRO A 190 -10.85 22.73 15.21
N GLU A 191 -11.15 21.46 15.53
CA GLU A 191 -10.05 20.45 15.68
C GLU A 191 -9.13 20.47 14.45
N THR A 192 -7.82 20.60 14.69
CA THR A 192 -6.82 20.80 13.62
C THR A 192 -6.34 19.53 12.87
N GLN A 193 -5.67 19.74 11.75
CA GLN A 193 -5.05 18.62 11.01
C GLN A 193 -4.04 17.88 11.92
N ASN A 194 -3.14 18.64 12.56
CA ASN A 194 -2.12 18.05 13.46
C ASN A 194 -2.68 17.33 14.67
N HIS A 195 -3.76 17.84 15.22
CA HIS A 195 -4.39 17.15 16.31
C HIS A 195 -4.81 15.78 15.84
N ILE A 196 -5.29 15.70 14.61
CA ILE A 196 -5.85 14.48 14.05
C ILE A 196 -4.71 13.45 13.85
N ILE A 197 -3.58 13.94 13.36
CA ILE A 197 -2.39 13.15 13.21
C ILE A 197 -1.88 12.69 14.58
N ARG A 198 -1.61 13.63 15.48
CA ARG A 198 -1.00 13.32 16.78
C ARG A 198 -1.76 12.25 17.54
N VAL A 199 -3.07 12.31 17.54
CA VAL A 199 -3.83 11.35 18.35
C VAL A 199 -3.43 9.92 17.92
N GLY A 200 -3.21 9.74 16.61
CA GLY A 200 -2.80 8.44 16.10
C GLY A 200 -1.38 8.07 16.55
N LEU A 201 -0.47 9.07 16.48
CA LEU A 201 0.90 8.89 16.91
C LEU A 201 1.00 8.46 18.38
N TYR A 202 0.24 9.12 19.26
CA TYR A 202 0.22 8.73 20.68
C TYR A 202 -0.24 7.30 20.81
N ALA A 203 -1.31 6.94 20.10
CA ALA A 203 -1.97 5.64 20.31
C ALA A 203 -1.07 4.53 19.77
N GLU A 204 -0.34 4.82 18.71
CA GLU A 204 0.67 3.91 18.18
C GLU A 204 1.63 3.50 19.30
N ILE A 205 2.21 4.47 19.99
CA ILE A 205 3.16 4.18 21.07
C ILE A 205 2.45 3.46 22.22
N LEU A 206 1.25 3.90 22.52
CA LEU A 206 0.53 3.26 23.59
C LEU A 206 0.28 1.77 23.27
N ALA A 207 -0.17 1.49 22.05
CA ALA A 207 -0.45 0.12 21.61
C ALA A 207 0.78 -0.78 21.61
N ARG A 208 1.90 -0.25 21.09
CA ARG A 208 3.17 -0.97 21.07
C ARG A 208 3.59 -1.32 22.48
N GLU A 209 3.54 -0.35 23.39
CA GLU A 209 4.00 -0.57 24.77
C GLU A 209 3.03 -1.41 25.57
N ALA A 210 1.79 -1.52 25.09
CA ALA A 210 0.82 -2.41 25.72
C ALA A 210 1.02 -3.84 25.27
N GLY A 211 1.96 -4.05 24.36
CA GLY A 211 2.36 -5.39 23.91
C GLY A 211 1.65 -5.90 22.66
N LEU A 212 0.88 -5.04 21.99
CA LEU A 212 0.12 -5.43 20.80
C LEU A 212 1.02 -5.76 19.62
N ASP A 213 0.42 -6.52 18.71
CA ASP A 213 1.11 -7.04 17.56
C ASP A 213 1.47 -5.87 16.66
N GLU A 214 2.64 -5.89 16.05
CA GLU A 214 3.11 -4.74 15.27
C GLU A 214 2.15 -4.34 14.14
N GLU A 215 1.40 -5.27 13.58
CA GLU A 215 0.48 -4.91 12.52
C GLU A 215 -0.73 -4.15 13.11
N ASP A 216 -1.18 -4.58 14.30
CA ASP A 216 -2.25 -3.90 15.04
C ASP A 216 -1.85 -2.51 15.52
N VAL A 217 -0.59 -2.38 15.92
CA VAL A 217 0.01 -1.08 16.25
C VAL A 217 -0.09 -0.13 15.08
N GLU A 218 0.20 -0.60 13.89
CA GLU A 218 0.09 0.19 12.70
C GLU A 218 -1.37 0.57 12.43
N LEU A 219 -2.30 -0.33 12.74
CA LEU A 219 -3.72 -0.05 12.48
C LEU A 219 -4.27 1.08 13.35
N VAL A 220 -3.92 1.08 14.63
CA VAL A 220 -4.41 2.11 15.53
C VAL A 220 -3.83 3.45 15.12
N LYS A 221 -2.57 3.46 14.68
CA LYS A 221 -1.96 4.71 14.26
C LYS A 221 -2.79 5.35 13.17
N LEU A 222 -3.39 4.51 12.32
CA LEU A 222 -4.21 4.97 11.20
C LEU A 222 -5.71 5.04 11.44
N ALA A 223 -6.26 4.23 12.34
CA ALA A 223 -7.69 4.20 12.62
C ALA A 223 -8.12 5.34 13.56
N ALA A 224 -7.29 5.63 14.57
CA ALA A 224 -7.67 6.63 15.59
C ALA A 224 -7.92 8.01 15.00
N PRO A 225 -7.17 8.40 13.97
CA PRO A 225 -7.39 9.77 13.45
C PRO A 225 -8.79 10.00 12.86
N MET A 226 -9.55 8.94 12.64
CA MET A 226 -10.85 9.07 11.96
C MET A 226 -12.03 9.17 12.93
N HIS A 227 -11.80 9.16 14.25
CA HIS A 227 -12.90 8.96 15.21
C HIS A 227 -13.99 10.02 15.25
N ASP A 228 -13.71 11.23 14.77
CA ASP A 228 -14.72 12.32 14.83
C ASP A 228 -15.45 12.59 13.48
N ILE A 229 -15.28 11.70 12.50
CA ILE A 229 -15.76 11.91 11.15
C ILE A 229 -17.28 12.08 11.10
N GLY A 230 -17.96 11.45 12.05
CA GLY A 230 -19.41 11.61 12.21
C GLY A 230 -19.88 13.05 12.39
N LYS A 231 -18.97 13.96 12.73
CA LYS A 231 -19.34 15.35 12.84
C LYS A 231 -19.97 15.93 11.57
N VAL A 232 -19.61 15.37 10.40
CA VAL A 232 -20.12 15.88 9.12
C VAL A 232 -21.63 15.68 8.94
N GLY A 233 -22.22 14.81 9.76
CA GLY A 233 -23.66 14.54 9.72
C GLY A 233 -24.47 15.25 10.83
N ILE A 234 -23.78 16.04 11.65
CA ILE A 234 -24.46 16.81 12.69
C ILE A 234 -25.03 18.09 12.08
N PRO A 235 -26.31 18.37 12.34
CA PRO A 235 -26.94 19.57 11.76
C PRO A 235 -26.21 20.88 12.15
N ASP A 236 -26.10 21.80 11.19
CA ASP A 236 -25.54 23.14 11.45
C ASP A 236 -26.21 23.84 12.65
N ARG A 237 -27.52 23.69 12.82
CA ARG A 237 -28.22 24.42 13.86
C ARG A 237 -27.70 24.04 15.26
N VAL A 238 -26.93 22.94 15.33
CA VAL A 238 -26.30 22.44 16.56
C VAL A 238 -24.79 22.69 16.55
N LEU A 239 -24.10 22.19 15.54
CA LEU A 239 -22.63 22.33 15.50
C LEU A 239 -22.21 23.79 15.33
N LEU A 240 -23.01 24.59 14.64
CA LEU A 240 -22.63 25.98 14.39
C LEU A 240 -23.38 26.97 15.26
N LYS A 241 -24.20 26.48 16.18
CA LYS A 241 -24.92 27.38 17.09
C LYS A 241 -23.95 28.29 17.84
N PRO A 242 -24.21 29.61 17.83
CA PRO A 242 -23.31 30.50 18.59
C PRO A 242 -23.42 30.44 20.14
N GLY A 243 -24.57 30.07 20.71
CA GLY A 243 -24.64 29.91 22.19
C GLY A 243 -23.95 28.64 22.69
N LYS A 244 -24.14 28.29 23.96
CA LYS A 244 -23.82 26.92 24.41
C LYS A 244 -25.06 26.07 24.14
N LEU A 245 -24.87 24.77 24.00
CA LEU A 245 -25.96 23.88 23.62
C LEU A 245 -26.92 23.60 24.78
N ASN A 246 -28.22 23.51 24.52
CA ASN A 246 -29.11 22.97 25.52
C ASN A 246 -29.10 21.43 25.52
N ASP A 247 -29.94 20.80 26.34
CA ASP A 247 -29.94 19.35 26.48
C ASP A 247 -30.32 18.65 25.19
N GLU A 248 -31.38 19.14 24.55
CA GLU A 248 -31.85 18.60 23.30
C GLU A 248 -30.70 18.59 22.28
N GLU A 249 -30.00 19.72 22.14
CA GLU A 249 -28.87 19.87 21.21
C GLU A 249 -27.65 19.01 21.53
N TRP A 250 -27.35 18.86 22.82
CA TRP A 250 -26.26 18.05 23.28
C TRP A 250 -26.49 16.58 22.90
N GLU A 251 -27.71 16.08 23.12
CA GLU A 251 -28.06 14.72 22.72
C GLU A 251 -27.79 14.49 21.24
N ILE A 252 -28.02 15.52 20.43
CA ILE A 252 -27.79 15.39 18.99
C ILE A 252 -26.28 15.37 18.72
N MET A 253 -25.55 16.28 19.33
CA MET A 253 -24.10 16.28 19.24
C MET A 253 -23.48 14.93 19.60
N LYS A 254 -23.98 14.29 20.65
CA LYS A 254 -23.48 12.98 21.07
C LYS A 254 -23.60 11.90 19.97
N LYS A 255 -24.59 12.04 19.08
CA LYS A 255 -24.78 11.11 17.97
C LYS A 255 -23.61 11.09 16.94
N HIS A 256 -22.67 12.01 17.03
CA HIS A 256 -21.53 11.97 16.12
C HIS A 256 -20.76 10.68 16.25
N THR A 257 -20.92 10.01 17.38
CA THR A 257 -20.32 8.72 17.57
C THR A 257 -21.03 7.70 16.66
N ILE A 258 -22.35 7.56 16.83
CA ILE A 258 -23.15 6.69 15.96
C ILE A 258 -22.88 7.02 14.49
N TYR A 259 -22.82 8.32 14.16
CA TYR A 259 -22.72 8.72 12.76
C TYR A 259 -21.42 8.29 12.13
N GLY A 260 -20.33 8.42 12.90
CA GLY A 260 -19.02 7.89 12.48
C GLY A 260 -19.07 6.38 12.26
N TYR A 261 -19.66 5.65 13.19
CA TYR A 261 -19.86 4.24 13.00
C TYR A 261 -20.56 3.96 11.66
N GLU A 262 -21.71 4.63 11.41
CA GLU A 262 -22.50 4.42 10.19
C GLU A 262 -21.63 4.63 8.94
N ILE A 263 -20.75 5.63 9.00
CA ILE A 263 -19.89 5.97 7.88
C ILE A 263 -18.84 4.88 7.60
N LEU A 264 -18.29 4.33 8.68
CA LEU A 264 -17.11 3.49 8.60
C LEU A 264 -17.38 2.00 8.56
N LYS A 265 -18.51 1.53 9.09
CA LYS A 265 -18.74 0.08 9.30
C LYS A 265 -18.94 -0.69 7.99
N GLY A 266 -18.91 -2.01 8.10
CA GLY A 266 -19.18 -2.86 6.93
C GLY A 266 -18.06 -2.90 5.89
N GLY A 267 -17.34 -1.79 5.70
CA GLY A 267 -16.04 -1.83 5.04
C GLY A 267 -15.38 -3.12 5.52
N ASP A 268 -15.04 -4.01 4.61
CA ASP A 268 -14.54 -5.37 4.94
C ASP A 268 -13.14 -5.47 5.62
N SER A 269 -12.31 -4.44 5.46
CA SER A 269 -10.95 -4.48 5.96
C SER A 269 -10.87 -4.30 7.49
N ARG A 270 -9.76 -4.71 8.09
CA ARG A 270 -9.61 -4.65 9.53
C ARG A 270 -9.50 -3.20 9.98
N LEU A 271 -8.73 -2.43 9.22
CA LEU A 271 -8.62 -1.02 9.41
C LEU A 271 -9.98 -0.38 9.67
N LEU A 272 -10.93 -0.59 8.77
CA LEU A 272 -12.21 0.10 8.91
C LEU A 272 -13.09 -0.45 10.02
N GLN A 273 -12.97 -1.73 10.32
CA GLN A 273 -13.69 -2.33 11.46
C GLN A 273 -13.22 -1.68 12.77
N ILE A 274 -11.92 -1.49 12.89
CA ILE A 274 -11.37 -0.83 14.06
C ILE A 274 -11.75 0.66 14.14
N ALA A 275 -11.51 1.38 13.03
CA ALA A 275 -11.92 2.77 12.92
C ALA A 275 -13.41 2.95 13.33
N ALA A 276 -14.28 2.06 12.86
CA ALA A 276 -15.70 2.18 13.17
C ALA A 276 -15.94 2.07 14.69
N ASP A 277 -15.25 1.13 15.32
CA ASP A 277 -15.35 0.93 16.75
C ASP A 277 -14.90 2.18 17.51
N ILE A 278 -13.78 2.75 17.07
CA ILE A 278 -13.22 3.90 17.77
C ILE A 278 -14.20 5.06 17.66
N ALA A 279 -14.76 5.22 16.46
CA ALA A 279 -15.71 6.29 16.21
C ALA A 279 -16.83 6.22 17.25
N ILE A 280 -17.41 5.05 17.38
CA ILE A 280 -18.54 4.89 18.27
C ILE A 280 -18.18 4.74 19.75
N GLU A 281 -16.92 4.42 20.08
CA GLU A 281 -16.55 4.17 21.50
C GLU A 281 -15.72 5.27 22.16
N HIS A 282 -15.20 6.21 21.38
CA HIS A 282 -14.19 7.12 21.94
C HIS A 282 -14.67 8.05 23.03
N HIS A 283 -15.98 8.14 23.26
CA HIS A 283 -16.53 8.91 24.41
C HIS A 283 -17.08 8.03 25.50
N GLU A 284 -16.92 6.72 25.35
CA GLU A 284 -17.25 5.81 26.44
C GLU A 284 -16.19 5.94 27.54
N ARG A 285 -16.61 5.66 28.78
CA ARG A 285 -15.73 5.86 29.94
C ARG A 285 -15.58 4.54 30.62
N TRP A 286 -14.36 4.25 31.06
CA TRP A 286 -14.05 2.97 31.71
C TRP A 286 -15.09 2.54 32.74
N ASP A 287 -15.56 3.48 33.56
CA ASP A 287 -16.55 3.17 34.62
C ASP A 287 -18.03 3.12 34.16
N GLY A 288 -18.28 3.31 32.86
CA GLY A 288 -19.64 3.20 32.32
C GLY A 288 -20.46 4.48 32.34
N THR A 289 -19.83 5.61 32.65
CA THR A 289 -20.54 6.87 32.76
C THR A 289 -20.41 7.73 31.50
N GLY A 290 -19.92 7.14 30.39
CA GLY A 290 -19.73 7.86 29.14
C GLY A 290 -20.88 7.67 28.16
N TYR A 291 -20.70 8.15 26.94
CA TYR A 291 -21.73 8.01 25.94
C TYR A 291 -21.17 7.42 24.64
N PRO A 292 -22.05 6.94 23.74
CA PRO A 292 -23.50 6.99 23.77
C PRO A 292 -24.22 5.87 24.52
N PHE A 293 -23.51 4.81 24.89
CA PHE A 293 -24.17 3.61 25.41
C PHE A 293 -23.87 3.30 26.88
N GLY A 294 -22.91 4.02 27.47
CA GLY A 294 -22.44 3.76 28.85
C GLY A 294 -21.74 2.42 28.98
N LYS A 295 -21.04 2.00 27.93
CA LYS A 295 -20.22 0.78 27.97
C LYS A 295 -19.19 0.85 29.10
N LYS A 296 -18.84 -0.32 29.64
CA LYS A 296 -18.11 -0.45 30.91
C LYS A 296 -16.88 -1.35 30.69
N GLY A 297 -15.74 -1.00 31.28
CA GLY A 297 -14.55 -1.86 31.17
C GLY A 297 -14.20 -2.37 29.76
N GLU A 298 -14.02 -3.68 29.67
CA GLU A 298 -13.57 -4.29 28.42
C GLU A 298 -14.66 -4.44 27.36
N GLU A 299 -15.90 -4.08 27.71
CA GLU A 299 -16.95 -3.98 26.73
C GLU A 299 -16.53 -2.96 25.69
N ILE A 300 -15.71 -1.99 26.08
CA ILE A 300 -15.08 -1.06 25.13
C ILE A 300 -13.86 -1.75 24.51
N SER A 301 -13.75 -1.78 23.19
CA SER A 301 -12.58 -2.40 22.59
C SER A 301 -11.31 -1.66 23.03
N ILE A 302 -10.21 -2.40 23.11
CA ILE A 302 -8.96 -1.79 23.50
C ILE A 302 -8.67 -0.54 22.67
N TYR A 303 -9.00 -0.60 21.38
CA TYR A 303 -8.67 0.49 20.47
C TYR A 303 -9.43 1.76 20.89
N GLY A 304 -10.65 1.54 21.36
CA GLY A 304 -11.48 2.64 21.82
C GLY A 304 -10.78 3.26 23.02
N ARG A 305 -10.46 2.40 23.97
CA ARG A 305 -9.79 2.78 25.20
C ARG A 305 -8.48 3.55 24.98
N MET A 306 -7.70 3.16 23.98
CA MET A 306 -6.40 3.82 23.73
C MET A 306 -6.60 5.18 23.10
N THR A 307 -7.66 5.30 22.31
CA THR A 307 -7.95 6.57 21.65
C THR A 307 -8.47 7.63 22.64
N SER A 308 -9.31 7.23 23.59
CA SER A 308 -9.78 8.19 24.61
C SER A 308 -8.63 8.85 25.33
N ILE A 309 -7.73 8.01 25.84
CA ILE A 309 -6.53 8.47 26.51
C ILE A 309 -5.79 9.43 25.61
N SER A 310 -5.59 9.05 24.35
CA SER A 310 -4.77 9.91 23.49
C SER A 310 -5.45 11.22 23.17
N ASP A 311 -6.78 11.15 23.02
CA ASP A 311 -7.56 12.33 22.64
C ASP A 311 -7.53 13.38 23.78
N VAL A 312 -7.84 12.93 24.99
CA VAL A 312 -7.76 13.81 26.16
C VAL A 312 -6.35 14.39 26.31
N PHE A 313 -5.36 13.53 26.17
CA PHE A 313 -4.00 14.03 26.29
C PHE A 313 -3.76 15.23 25.38
N ASP A 314 -4.20 15.13 24.13
CA ASP A 314 -3.88 16.20 23.19
C ASP A 314 -4.62 17.49 23.55
N ALA A 315 -5.86 17.35 24.01
CA ALA A 315 -6.67 18.49 24.41
C ALA A 315 -6.01 19.23 25.58
N LEU A 316 -5.73 18.50 26.68
CA LEU A 316 -5.09 19.11 27.88
C LEU A 316 -3.80 19.87 27.57
N THR A 317 -3.10 19.46 26.50
CA THR A 317 -1.76 20.00 26.24
C THR A 317 -1.75 21.01 25.12
N SER A 318 -2.91 21.59 24.82
CA SER A 318 -3.03 22.63 23.78
C SER A 318 -3.58 23.95 24.35
N ASP A 319 -2.93 25.06 24.01
CA ASP A 319 -3.43 26.39 24.40
C ASP A 319 -4.80 26.69 23.81
N ARG A 320 -5.66 27.26 24.63
CA ARG A 320 -6.88 27.90 24.16
C ARG A 320 -6.94 29.24 24.85
N PRO A 321 -7.69 30.21 24.29
CA PRO A 321 -7.82 31.50 25.01
C PRO A 321 -8.29 31.34 26.48
N TYR A 322 -7.65 32.07 27.40
CA TYR A 322 -7.88 31.94 28.87
C TYR A 322 -7.47 30.60 29.48
N LYS A 323 -7.19 29.61 28.63
CA LYS A 323 -6.92 28.24 29.08
C LYS A 323 -5.57 27.71 28.53
N LYS A 324 -4.49 27.93 29.28
CA LYS A 324 -3.16 27.48 28.87
C LYS A 324 -2.98 25.98 28.99
N ALA A 325 -2.27 25.41 28.02
CA ALA A 325 -1.95 24.00 28.07
C ALA A 325 -1.37 23.66 29.43
N TRP A 326 -1.90 22.61 30.04
CA TRP A 326 -1.33 22.01 31.23
C TRP A 326 0.02 21.37 30.94
N ASP A 327 0.97 21.54 31.85
CA ASP A 327 2.32 20.98 31.71
C ASP A 327 2.36 19.50 32.10
N MET A 328 3.55 18.92 32.08
CA MET A 328 3.70 17.52 32.42
C MET A 328 3.11 17.16 33.79
N ASP A 329 3.53 17.84 34.85
CA ASP A 329 3.10 17.47 36.18
C ASP A 329 1.58 17.53 36.31
N ARG A 330 0.99 18.60 35.81
CA ARG A 330 -0.46 18.79 35.90
C ARG A 330 -1.19 17.69 35.13
N THR A 331 -0.65 17.33 33.97
CA THR A 331 -1.24 16.28 33.14
C THR A 331 -1.12 14.89 33.78
N VAL A 332 0.05 14.58 34.33
CA VAL A 332 0.24 13.33 35.06
C VAL A 332 -0.78 13.18 36.19
N ARG A 333 -0.92 14.23 37.00
CA ARG A 333 -1.89 14.28 38.10
C ARG A 333 -3.30 13.96 37.56
N PHE A 334 -3.68 14.61 36.46
CA PHE A 334 -5.04 14.38 35.91
C PHE A 334 -5.29 12.90 35.55
N PHE A 335 -4.35 12.30 34.83
CA PHE A 335 -4.47 10.90 34.50
C PHE A 335 -4.47 10.00 35.73
N LYS A 336 -3.78 10.41 36.79
CA LYS A 336 -3.82 9.65 38.02
C LYS A 336 -5.21 9.70 38.62
N GLU A 337 -5.79 10.90 38.70
CA GLU A 337 -7.15 11.07 39.21
C GLU A 337 -8.16 10.29 38.38
N GLN A 338 -7.99 10.26 37.05
CA GLN A 338 -8.98 9.60 36.19
C GLN A 338 -8.83 8.09 35.95
N LYS A 339 -7.75 7.51 36.48
CA LYS A 339 -7.53 6.06 36.42
C LYS A 339 -8.71 5.27 36.99
N GLY A 340 -9.23 4.33 36.22
CA GLY A 340 -10.40 3.58 36.64
C GLY A 340 -11.71 4.34 36.55
N LYS A 341 -11.67 5.64 36.25
CA LYS A 341 -12.93 6.35 35.98
C LYS A 341 -13.12 6.55 34.49
N HIS A 342 -12.59 7.64 33.96
CA HIS A 342 -12.54 7.86 32.53
C HIS A 342 -11.75 6.75 31.84
N PHE A 343 -10.57 6.47 32.36
CA PHE A 343 -9.62 5.62 31.64
C PHE A 343 -9.34 4.25 32.23
N ASP A 344 -8.95 3.35 31.33
CA ASP A 344 -8.45 2.02 31.63
C ASP A 344 -7.20 2.17 32.50
N PRO A 345 -7.27 1.65 33.75
CA PRO A 345 -6.18 1.74 34.74
C PRO A 345 -4.87 1.19 34.17
N PHE A 346 -4.94 -0.03 33.63
CA PHE A 346 -3.77 -0.70 33.04
C PHE A 346 -3.16 0.11 31.91
N LEU A 347 -3.98 0.59 30.99
CA LEU A 347 -3.46 1.41 29.89
C LEU A 347 -2.97 2.79 30.37
N THR A 348 -3.60 3.33 31.41
CA THR A 348 -3.12 4.60 31.94
C THR A 348 -1.68 4.49 32.48
N ASP A 349 -1.39 3.40 33.20
CA ASP A 349 -0.04 3.12 33.66
C ASP A 349 0.98 3.07 32.50
N ILE A 350 0.65 2.33 31.44
CA ILE A 350 1.55 2.30 30.27
C ILE A 350 1.80 3.71 29.76
N PHE A 351 0.71 4.46 29.63
CA PHE A 351 0.75 5.81 29.12
C PHE A 351 1.60 6.72 29.98
N LEU A 352 1.33 6.74 31.28
CA LEU A 352 2.19 7.44 32.23
C LEU A 352 3.69 7.07 32.11
N LYS A 353 4.00 5.78 32.07
CA LYS A 353 5.40 5.32 31.91
C LYS A 353 6.06 5.97 30.69
N ASN A 354 5.24 6.30 29.68
CA ASN A 354 5.75 6.77 28.41
C ASN A 354 5.50 8.24 28.07
N ILE A 355 4.92 8.96 29.02
CA ILE A 355 4.46 10.32 28.75
C ILE A 355 5.49 11.30 28.19
N ASP A 356 6.78 11.02 28.38
CA ASP A 356 7.80 11.87 27.81
C ASP A 356 7.79 11.75 26.28
N GLN A 357 7.53 10.55 25.78
CA GLN A 357 7.44 10.32 24.32
C GLN A 357 6.27 11.09 23.69
N MET A 358 5.15 11.13 24.41
CA MET A 358 3.98 11.89 24.04
C MET A 358 4.30 13.37 23.89
N PHE A 359 4.89 13.97 24.93
CA PHE A 359 5.28 15.38 24.89
C PHE A 359 6.26 15.67 23.75
N SER A 360 7.15 14.74 23.42
CA SER A 360 8.02 14.96 22.23
C SER A 360 7.22 15.06 20.95
N ILE A 361 6.23 14.17 20.79
CA ILE A 361 5.38 14.24 19.61
C ILE A 361 4.70 15.62 19.58
N LYS A 362 4.01 15.99 20.67
CA LYS A 362 3.37 17.32 20.73
C LYS A 362 4.33 18.48 20.44
N ARG A 363 5.60 18.30 20.79
CA ARG A 363 6.64 19.30 20.47
C ARG A 363 7.05 19.30 19.00
N GLU A 364 7.22 18.14 18.39
CA GLU A 364 7.62 18.09 16.96
C GLU A 364 6.53 18.44 15.94
N LEU A 365 5.31 17.98 16.17
CA LEU A 365 4.19 18.26 15.26
C LEU A 365 3.14 19.18 15.91
N ARG A 366 3.45 20.48 15.93
CA ARG A 366 2.65 21.44 16.70
C ARG A 366 1.46 22.01 15.92
N TYR B 4 31.53 -25.93 -23.42
CA TYR B 4 31.72 -25.76 -21.94
C TYR B 4 30.55 -25.12 -21.21
N GLN B 5 30.40 -25.50 -19.95
CA GLN B 5 29.35 -24.98 -19.10
C GLN B 5 29.72 -23.66 -18.45
N ASP B 6 28.69 -22.84 -18.23
CA ASP B 6 28.81 -21.61 -17.45
C ASP B 6 28.70 -22.02 -15.98
N PRO B 7 29.74 -21.71 -15.17
CA PRO B 7 29.64 -22.11 -13.75
C PRO B 7 28.56 -21.32 -12.96
N GLU B 8 28.20 -20.13 -13.44
CA GLU B 8 27.23 -19.26 -12.76
C GLU B 8 25.81 -19.42 -13.34
N ARG B 9 25.60 -20.47 -14.13
CA ARG B 9 24.38 -20.59 -14.90
C ARG B 9 23.12 -20.61 -14.05
N LYS B 10 23.10 -21.43 -13.01
CA LYS B 10 21.92 -21.48 -12.16
C LYS B 10 21.72 -20.17 -11.36
N LEU B 11 22.81 -19.51 -10.99
CA LEU B 11 22.73 -18.24 -10.29
C LEU B 11 21.97 -17.23 -11.14
N LYS B 12 22.43 -17.04 -12.37
CA LYS B 12 21.75 -16.15 -13.30
C LYS B 12 20.27 -16.51 -13.57
N ILE B 13 19.96 -17.82 -13.68
CA ILE B 13 18.58 -18.24 -13.84
C ILE B 13 17.80 -17.71 -12.62
N LEU B 14 18.33 -17.99 -11.41
CA LEU B 14 17.64 -17.58 -10.19
C LEU B 14 17.47 -16.04 -10.09
N LEU B 15 18.47 -15.28 -10.50
CA LEU B 15 18.33 -13.84 -10.48
C LEU B 15 17.14 -13.44 -11.34
N ASP B 16 17.06 -14.00 -12.55
CA ASP B 16 16.00 -13.64 -13.47
C ASP B 16 14.61 -14.04 -12.94
N TYR B 17 14.50 -15.20 -12.32
CA TYR B 17 13.24 -15.57 -11.74
C TYR B 17 12.84 -14.61 -10.61
N SER B 18 13.83 -14.19 -9.84
CA SER B 18 13.64 -13.25 -8.76
C SER B 18 13.17 -11.90 -9.23
N SER B 19 13.66 -11.42 -10.37
CA SER B 19 13.15 -10.19 -10.96
C SER B 19 11.71 -10.33 -11.36
N LYS B 20 11.37 -11.42 -12.06
CA LYS B 20 10.00 -11.65 -12.49
C LYS B 20 9.07 -11.66 -11.28
N ILE B 21 9.45 -12.40 -10.25
CA ILE B 21 8.59 -12.51 -9.08
C ILE B 21 8.45 -11.15 -8.36
N ALA B 22 9.51 -10.37 -8.32
CA ALA B 22 9.47 -9.11 -7.60
C ALA B 22 8.45 -8.16 -8.24
N ASN B 23 8.16 -8.38 -9.52
CA ASN B 23 7.32 -7.51 -10.34
C ASN B 23 5.88 -7.93 -10.37
N GLU B 24 5.61 -9.11 -9.85
CA GLU B 24 4.35 -9.74 -10.08
C GLU B 24 3.46 -9.55 -8.87
N LYS B 25 2.32 -8.90 -9.08
CA LYS B 25 1.34 -8.65 -8.02
C LYS B 25 0.32 -9.78 -7.88
N ASP B 26 0.12 -10.55 -8.95
CA ASP B 26 -0.87 -11.62 -8.95
C ASP B 26 -0.37 -12.93 -8.32
N LEU B 27 -0.91 -13.28 -7.17
CA LEU B 27 -0.49 -14.49 -6.45
C LEU B 27 -0.38 -15.74 -7.33
N ARG B 28 -1.39 -15.98 -8.17
CA ARG B 28 -1.40 -17.12 -9.09
C ARG B 28 -0.10 -17.18 -9.89
N ASN B 29 0.31 -16.06 -10.46
CA ASN B 29 1.55 -16.03 -11.21
C ASN B 29 2.79 -16.18 -10.32
N VAL B 30 2.77 -15.57 -9.15
CA VAL B 30 3.86 -15.74 -8.20
C VAL B 30 4.06 -17.23 -7.94
N LEU B 31 2.99 -17.94 -7.58
CA LEU B 31 3.07 -19.37 -7.36
C LEU B 31 3.63 -20.12 -8.55
N LEU B 32 3.12 -19.81 -9.71
CA LEU B 32 3.55 -20.45 -10.94
C LEU B 32 5.05 -20.29 -11.15
N PHE B 33 5.53 -19.05 -11.05
CA PHE B 33 6.94 -18.78 -11.19
C PHE B 33 7.78 -19.49 -10.14
N LEU B 34 7.31 -19.56 -8.90
CA LEU B 34 8.07 -20.22 -7.85
C LEU B 34 8.22 -21.73 -8.15
N THR B 35 7.15 -22.31 -8.69
CA THR B 35 7.12 -23.68 -9.16
C THR B 35 8.14 -23.91 -10.28
N ASP B 36 8.13 -23.07 -11.31
CA ASP B 36 9.10 -23.21 -12.40
C ASP B 36 10.53 -23.09 -11.91
N LEU B 37 10.71 -22.21 -10.92
CA LEU B 37 12.00 -21.92 -10.38
C LEU B 37 12.52 -23.18 -9.67
N ALA B 38 11.64 -23.82 -8.91
CA ALA B 38 11.98 -25.02 -8.19
C ALA B 38 12.33 -26.16 -9.16
N LYS B 39 11.54 -26.37 -10.22
CA LYS B 39 11.86 -27.44 -11.15
C LYS B 39 13.28 -27.30 -11.68
N GLU B 40 13.62 -26.12 -12.15
CA GLU B 40 14.94 -25.87 -12.69
C GLU B 40 16.07 -25.96 -11.68
N ILE B 41 15.94 -25.32 -10.52
CA ILE B 41 17.04 -25.24 -9.53
C ILE B 41 17.27 -26.59 -8.84
N MET B 42 16.17 -27.33 -8.62
CA MET B 42 16.17 -28.63 -7.97
C MET B 42 16.42 -29.77 -8.96
N GLU B 43 16.33 -29.44 -10.26
CA GLU B 43 16.50 -30.42 -11.32
C GLU B 43 15.49 -31.56 -11.16
N ALA B 44 14.24 -31.17 -10.96
CA ALA B 44 13.12 -32.11 -10.87
C ALA B 44 12.10 -31.89 -11.96
N ASP B 45 11.33 -32.93 -12.23
CA ASP B 45 10.36 -32.92 -13.32
C ASP B 45 9.10 -32.17 -12.93
N ARG B 46 8.69 -32.27 -11.67
CA ARG B 46 7.45 -31.64 -11.19
C ARG B 46 7.67 -30.88 -9.89
N ALA B 47 6.86 -29.84 -9.67
CA ALA B 47 6.80 -29.14 -8.39
C ALA B 47 5.40 -28.62 -8.09
N SER B 48 5.06 -28.56 -6.80
CA SER B 48 3.78 -28.03 -6.37
C SER B 48 3.90 -27.29 -5.06
N ILE B 49 3.21 -26.16 -4.98
CA ILE B 49 3.05 -25.46 -3.73
C ILE B 49 1.64 -25.69 -3.25
N PHE B 50 1.49 -25.98 -1.97
CA PHE B 50 0.17 -26.16 -1.40
C PHE B 50 0.03 -25.13 -0.30
N LEU B 51 -1.04 -24.34 -0.36
CA LEU B 51 -1.35 -23.40 0.70
C LEU B 51 -2.60 -23.79 1.43
N TYR B 52 -2.83 -23.18 2.58
CA TYR B 52 -3.94 -23.55 3.45
C TYR B 52 -5.08 -22.51 3.45
N ASP B 53 -6.31 -23.02 3.39
CA ASP B 53 -7.53 -22.23 3.45
C ASP B 53 -8.18 -22.39 4.84
N ASP B 54 -8.26 -21.29 5.60
CA ASP B 54 -8.97 -21.26 6.90
C ASP B 54 -10.38 -21.82 6.80
N GLN B 55 -11.11 -21.31 5.82
CA GLN B 55 -12.55 -21.47 5.74
C GLN B 55 -13.00 -22.86 5.31
N LYS B 56 -12.38 -23.40 4.27
CA LYS B 56 -12.73 -24.72 3.74
C LYS B 56 -11.92 -25.81 4.41
N LYS B 57 -11.07 -25.40 5.36
CA LYS B 57 -10.12 -26.28 6.05
C LYS B 57 -9.39 -27.25 5.11
N THR B 58 -8.84 -26.73 4.00
CA THR B 58 -8.08 -27.58 3.09
C THR B 58 -6.79 -26.95 2.58
N LEU B 59 -5.92 -27.78 2.02
CA LEU B 59 -4.80 -27.29 1.23
C LEU B 59 -5.28 -27.15 -0.20
N TRP B 60 -4.64 -26.29 -0.95
CA TRP B 60 -4.98 -26.12 -2.35
C TRP B 60 -3.74 -25.81 -3.16
N THR B 61 -3.81 -26.07 -4.46
CA THR B 61 -2.69 -25.84 -5.37
C THR B 61 -3.18 -25.41 -6.76
N ILE B 62 -2.28 -24.87 -7.58
CA ILE B 62 -2.59 -24.63 -8.97
C ILE B 62 -1.99 -25.78 -9.78
N VAL B 63 -2.79 -26.35 -10.68
CA VAL B 63 -2.33 -27.45 -11.53
C VAL B 63 -1.70 -26.88 -12.80
N ALA B 64 -2.53 -26.41 -13.73
CA ALA B 64 -1.99 -25.80 -14.94
C ALA B 64 -1.93 -24.29 -14.75
N HIS B 65 -1.22 -23.63 -15.64
CA HIS B 65 -1.36 -22.21 -15.85
C HIS B 65 -2.79 -21.92 -16.22
N GLY B 66 -3.37 -20.90 -15.57
CA GLY B 66 -4.69 -20.37 -15.96
C GLY B 66 -5.92 -21.22 -15.73
N VAL B 67 -5.82 -22.19 -14.82
CA VAL B 67 -7.00 -22.96 -14.37
C VAL B 67 -7.06 -22.98 -12.84
N ASP B 68 -8.18 -23.46 -12.30
CA ASP B 68 -8.56 -23.24 -10.89
C ASP B 68 -7.83 -24.06 -9.81
N ARG B 69 -7.94 -23.59 -8.57
CA ARG B 69 -7.49 -24.29 -7.37
C ARG B 69 -7.93 -25.75 -7.37
N ILE B 70 -7.01 -26.65 -7.08
CA ILE B 70 -7.37 -28.03 -6.77
C ILE B 70 -7.40 -28.17 -5.26
N GLU B 71 -8.54 -28.60 -4.73
CA GLU B 71 -8.67 -28.92 -3.31
C GLU B 71 -7.83 -30.15 -2.98
N ILE B 72 -7.12 -30.11 -1.86
CA ILE B 72 -6.29 -31.22 -1.40
C ILE B 72 -6.51 -31.44 0.10
N ASP B 73 -6.69 -32.70 0.48
CA ASP B 73 -6.95 -33.01 1.88
C ASP B 73 -5.74 -32.63 2.74
N ALA B 74 -5.99 -31.82 3.76
CA ALA B 74 -4.93 -31.25 4.61
C ALA B 74 -4.32 -32.26 5.58
N ASP B 75 -4.89 -33.47 5.62
CA ASP B 75 -4.49 -34.52 6.55
C ASP B 75 -3.94 -35.79 5.85
N LYS B 76 -4.12 -35.90 4.55
CA LYS B 76 -3.72 -37.10 3.83
C LYS B 76 -2.55 -36.83 2.90
N GLY B 77 -1.83 -37.89 2.56
CA GLY B 77 -0.78 -37.83 1.57
C GLY B 77 0.54 -37.34 2.15
N ILE B 78 1.46 -37.06 1.25
CA ILE B 78 2.77 -36.59 1.67
C ILE B 78 2.61 -35.15 2.12
N ALA B 79 1.87 -34.38 1.33
CA ALA B 79 1.61 -32.97 1.64
C ALA B 79 1.00 -32.84 3.03
N GLY B 80 -0.06 -33.64 3.26
CA GLY B 80 -0.77 -33.69 4.54
C GLY B 80 0.15 -33.90 5.73
N TYR B 81 1.02 -34.91 5.64
CA TYR B 81 1.89 -35.27 6.75
C TYR B 81 2.78 -34.06 7.08
N VAL B 82 3.44 -33.54 6.05
CA VAL B 82 4.37 -32.42 6.17
C VAL B 82 3.66 -31.18 6.71
N PHE B 83 2.46 -30.89 6.20
CA PHE B 83 1.70 -29.75 6.69
C PHE B 83 1.42 -29.78 8.20
N ARG B 84 1.03 -30.94 8.72
CA ARG B 84 0.69 -31.06 10.13
C ARG B 84 1.89 -31.25 11.05
N THR B 85 2.84 -32.08 10.63
CA THR B 85 3.99 -32.44 11.48
C THR B 85 5.07 -31.38 11.50
N GLY B 86 5.25 -30.67 10.38
CA GLY B 86 6.31 -29.67 10.27
C GLY B 86 7.64 -30.30 9.84
N GLU B 87 7.63 -31.60 9.59
CA GLU B 87 8.86 -32.31 9.22
C GLU B 87 9.00 -32.70 7.75
N ILE B 88 10.26 -32.69 7.32
CA ILE B 88 10.66 -32.97 5.96
C ILE B 88 10.47 -34.43 5.60
N LEU B 89 9.95 -34.69 4.40
CA LEU B 89 9.88 -36.06 3.90
C LEU B 89 10.68 -36.16 2.65
N ASN B 90 11.52 -37.19 2.59
CA ASN B 90 12.29 -37.49 1.41
C ASN B 90 12.07 -38.94 1.06
N ILE B 91 11.28 -39.17 0.02
CA ILE B 91 10.86 -40.51 -0.36
C ILE B 91 11.71 -40.99 -1.54
N PRO B 92 12.42 -42.13 -1.36
CA PRO B 92 13.26 -42.61 -2.45
C PRO B 92 12.46 -43.42 -3.47
N ASP B 93 11.40 -44.08 -3.02
CA ASP B 93 10.49 -44.79 -3.91
C ASP B 93 9.06 -44.62 -3.44
N ALA B 94 8.30 -43.85 -4.22
CA ALA B 94 6.94 -43.46 -3.85
C ALA B 94 5.99 -44.66 -3.73
N TYR B 95 6.28 -45.73 -4.47
CA TYR B 95 5.38 -46.87 -4.50
C TYR B 95 5.61 -47.78 -3.32
N LYS B 96 6.72 -47.59 -2.61
CA LYS B 96 6.97 -48.32 -1.37
C LYS B 96 6.45 -47.54 -0.15
N ASP B 97 5.75 -46.44 -0.41
CA ASP B 97 5.27 -45.59 0.66
C ASP B 97 3.75 -45.56 0.70
N PRO B 98 3.16 -46.03 1.81
CA PRO B 98 1.71 -46.09 2.02
C PRO B 98 0.98 -44.74 2.03
N ARG B 99 1.67 -43.64 2.33
CA ARG B 99 1.07 -42.28 2.28
C ARG B 99 0.88 -41.75 0.86
N PHE B 100 1.33 -42.50 -0.15
CA PHE B 100 1.26 -42.01 -1.53
C PHE B 100 -0.02 -42.38 -2.27
N ASP B 101 -0.71 -41.35 -2.78
CA ASP B 101 -1.91 -41.56 -3.59
C ASP B 101 -1.53 -42.00 -4.99
N ARG B 102 -1.80 -43.26 -5.30
CA ARG B 102 -1.36 -43.86 -6.55
C ARG B 102 -2.27 -43.49 -7.74
N ASP B 103 -3.36 -42.78 -7.44
CA ASP B 103 -4.47 -42.61 -8.38
C ASP B 103 -4.21 -41.62 -9.53
N ILE B 104 -3.95 -40.36 -9.20
CA ILE B 104 -3.67 -39.32 -10.21
C ILE B 104 -2.54 -39.81 -11.13
N ASP B 105 -1.59 -40.51 -10.50
CA ASP B 105 -0.46 -41.12 -11.19
C ASP B 105 -0.92 -42.18 -12.20
N LYS B 106 -1.96 -42.93 -11.84
CA LYS B 106 -2.45 -44.05 -12.66
C LYS B 106 -3.53 -43.67 -13.66
N ARG B 107 -4.17 -42.53 -13.47
CA ARG B 107 -5.12 -42.03 -14.48
C ARG B 107 -4.39 -41.38 -15.65
N THR B 108 -3.54 -40.39 -15.37
CA THR B 108 -2.56 -39.94 -16.36
C THR B 108 -1.51 -41.05 -16.43
N GLY B 109 -0.85 -41.20 -17.58
CA GLY B 109 0.22 -42.19 -17.71
C GLY B 109 1.55 -41.68 -17.17
N TYR B 110 1.60 -41.40 -15.86
CA TYR B 110 2.79 -40.86 -15.20
C TYR B 110 3.31 -41.79 -14.11
N ARG B 111 4.63 -41.77 -13.88
CA ARG B 111 5.23 -42.61 -12.85
C ARG B 111 6.01 -41.78 -11.83
N THR B 112 5.51 -41.77 -10.59
CA THR B 112 6.13 -41.03 -9.48
C THR B 112 7.14 -41.92 -8.78
N ARG B 113 8.41 -41.54 -8.79
CA ARG B 113 9.42 -42.33 -8.08
C ARG B 113 9.84 -41.61 -6.80
N THR B 114 10.42 -40.43 -6.97
CA THR B 114 10.99 -39.68 -5.85
C THR B 114 10.15 -38.45 -5.53
N ILE B 115 10.04 -38.18 -4.23
CA ILE B 115 9.28 -37.04 -3.72
C ILE B 115 10.08 -36.39 -2.60
N LEU B 116 10.21 -35.07 -2.66
CA LEU B 116 10.76 -34.30 -1.57
C LEU B 116 9.79 -33.17 -1.27
N ALA B 117 9.39 -33.12 -0.01
CA ALA B 117 8.42 -32.16 0.47
C ALA B 117 8.90 -31.56 1.79
N VAL B 118 8.92 -30.23 1.83
CA VAL B 118 9.18 -29.49 3.06
C VAL B 118 8.05 -28.46 3.33
N PRO B 119 7.93 -28.00 4.58
CA PRO B 119 6.87 -27.03 4.89
C PRO B 119 7.20 -25.57 4.52
N LEU B 120 6.19 -24.71 4.51
CA LEU B 120 6.41 -23.26 4.40
C LEU B 120 6.08 -22.64 5.74
N PHE B 121 6.86 -21.63 6.14
CA PHE B 121 6.62 -20.93 7.40
C PHE B 121 6.35 -19.45 7.15
N ASP B 122 5.49 -18.84 7.96
CA ASP B 122 5.37 -17.37 7.94
C ASP B 122 6.41 -16.74 8.88
N ARG B 123 6.39 -15.40 8.98
CA ARG B 123 7.30 -14.67 9.87
C ARG B 123 7.27 -15.22 11.30
N LYS B 124 6.06 -15.48 11.79
CA LYS B 124 5.86 -15.95 13.15
C LYS B 124 6.04 -17.47 13.34
N GLN B 125 6.73 -18.09 12.39
CA GLN B 125 7.13 -19.51 12.49
C GLN B 125 6.02 -20.54 12.46
N ASN B 126 4.82 -20.15 12.03
CA ASN B 126 3.70 -21.08 11.79
C ASN B 126 3.75 -21.76 10.43
N ILE B 127 3.17 -22.94 10.34
CA ILE B 127 3.13 -23.66 9.06
C ILE B 127 1.97 -23.17 8.20
N ILE B 128 2.32 -22.57 7.08
CA ILE B 128 1.33 -22.07 6.14
C ILE B 128 1.15 -22.95 4.88
N GLY B 129 1.97 -23.97 4.70
CA GLY B 129 1.77 -24.87 3.57
C GLY B 129 2.93 -25.78 3.30
N VAL B 130 2.96 -26.36 2.09
CA VAL B 130 3.99 -27.32 1.73
C VAL B 130 4.58 -26.97 0.37
N PHE B 131 5.89 -27.23 0.22
CA PHE B 131 6.57 -27.13 -1.07
C PHE B 131 7.11 -28.50 -1.46
N GLN B 132 6.67 -29.02 -2.59
CA GLN B 132 7.00 -30.39 -2.97
C GLN B 132 7.63 -30.47 -4.35
N VAL B 133 8.69 -31.26 -4.49
CA VAL B 133 9.23 -31.58 -5.80
C VAL B 133 9.16 -33.07 -6.04
N ILE B 134 9.01 -33.43 -7.32
CA ILE B 134 8.79 -34.82 -7.72
C ILE B 134 9.72 -35.20 -8.86
N ASN B 135 10.26 -36.43 -8.77
CA ASN B 135 11.16 -37.03 -9.77
C ASN B 135 12.40 -36.23 -10.13
N LYS B 136 13.41 -36.31 -9.26
CA LYS B 136 14.77 -35.79 -9.52
C LYS B 136 15.24 -36.32 -10.86
N LEU B 137 15.76 -35.46 -11.72
CA LEU B 137 16.08 -35.86 -13.08
C LEU B 137 17.53 -36.35 -13.24
N THR B 138 18.44 -35.77 -12.47
CA THR B 138 19.89 -35.95 -12.64
C THR B 138 20.51 -36.86 -11.57
N ASN B 139 19.67 -37.46 -10.72
CA ASN B 139 20.10 -38.40 -9.70
C ASN B 139 19.00 -39.42 -9.39
N SER B 140 19.34 -40.51 -8.72
CA SER B 140 18.33 -41.52 -8.44
C SER B 140 17.47 -41.04 -7.30
N VAL B 141 18.07 -40.32 -6.35
CA VAL B 141 17.33 -39.79 -5.20
C VAL B 141 17.63 -38.30 -4.91
N PHE B 142 16.78 -37.70 -4.09
CA PHE B 142 17.06 -36.38 -3.52
C PHE B 142 18.06 -36.58 -2.38
N THR B 143 19.03 -35.69 -2.31
CA THR B 143 20.15 -35.80 -1.38
C THR B 143 19.95 -34.88 -0.18
N GLU B 144 20.77 -35.06 0.85
CA GLU B 144 20.86 -34.09 1.93
C GLU B 144 21.03 -32.65 1.39
N GLU B 145 21.83 -32.46 0.34
CA GLU B 145 22.04 -31.14 -0.26
C GLU B 145 20.77 -30.61 -0.90
N ASP B 146 20.03 -31.48 -1.59
CA ASP B 146 18.75 -31.13 -2.17
C ASP B 146 17.82 -30.60 -1.12
N ILE B 147 17.74 -31.30 0.01
CA ILE B 147 16.93 -30.86 1.14
C ILE B 147 17.35 -29.47 1.60
N GLU B 148 18.65 -29.23 1.75
CA GLU B 148 19.09 -27.89 2.14
C GLU B 148 18.59 -26.83 1.18
N LEU B 149 18.76 -27.09 -0.11
CA LEU B 149 18.40 -26.13 -1.13
C LEU B 149 16.89 -25.84 -1.07
N LEU B 150 16.09 -26.91 -0.96
CA LEU B 150 14.64 -26.76 -1.01
C LEU B 150 14.17 -25.96 0.19
N ARG B 151 14.85 -26.12 1.33
CA ARG B 151 14.55 -25.35 2.53
C ARG B 151 14.79 -23.86 2.30
N HIS B 152 15.82 -23.56 1.54
CA HIS B 152 16.12 -22.18 1.27
C HIS B 152 15.09 -21.67 0.30
N ILE B 153 14.73 -22.51 -0.67
CA ILE B 153 13.74 -22.09 -1.66
C ILE B 153 12.44 -21.81 -0.93
N SER B 154 12.15 -22.66 0.04
CA SER B 154 10.92 -22.55 0.79
C SER B 154 10.82 -21.24 1.56
N LEU B 155 11.95 -20.79 2.11
CA LEU B 155 11.99 -19.54 2.83
C LEU B 155 11.68 -18.40 1.90
N TYR B 156 12.27 -18.42 0.72
CA TYR B 156 12.02 -17.39 -0.29
C TYR B 156 10.55 -17.37 -0.75
N ALA B 157 9.97 -18.55 -0.94
CA ALA B 157 8.60 -18.70 -1.36
C ALA B 157 7.68 -18.09 -0.32
N SER B 158 7.85 -18.49 0.93
CA SER B 158 7.09 -17.92 2.05
C SER B 158 7.11 -16.39 2.05
N SER B 159 8.30 -15.80 1.97
CA SER B 159 8.39 -14.35 1.99
C SER B 159 7.63 -13.71 0.84
N THR B 160 7.85 -14.19 -0.37
CA THR B 160 7.24 -13.52 -1.52
C THR B 160 5.74 -13.74 -1.47
N ILE B 161 5.32 -14.92 -1.02
CA ILE B 161 3.91 -15.19 -0.87
C ILE B 161 3.29 -14.23 0.15
N GLU B 162 3.89 -14.13 1.34
CA GLU B 162 3.38 -13.20 2.33
C GLU B 162 3.35 -11.77 1.80
N ASN B 163 4.43 -11.33 1.19
CA ASN B 163 4.50 -9.96 0.69
C ASN B 163 3.38 -9.66 -0.32
N ALA B 164 2.99 -10.67 -1.12
CA ALA B 164 1.89 -10.47 -2.06
C ALA B 164 0.56 -10.39 -1.35
N ILE B 165 0.37 -11.17 -0.29
CA ILE B 165 -0.87 -11.13 0.45
C ILE B 165 -1.01 -9.76 1.10
N LEU B 166 0.06 -9.31 1.78
CA LEU B 166 0.04 -8.04 2.48
C LEU B 166 -0.21 -6.88 1.56
N TYR B 167 0.46 -6.89 0.41
CA TYR B 167 0.27 -5.83 -0.55
C TYR B 167 -1.17 -5.78 -1.05
N GLU B 168 -1.82 -6.92 -1.22
CA GLU B 168 -3.24 -6.96 -1.56
C GLU B 168 -4.16 -6.41 -0.45
N LYS B 169 -3.91 -6.84 0.79
CA LYS B 169 -4.65 -6.35 1.95
C LYS B 169 -4.53 -4.85 2.09
N LEU B 170 -3.33 -4.30 1.87
CA LEU B 170 -3.13 -2.86 1.99
C LEU B 170 -3.89 -2.14 0.86
N LYS B 171 -3.94 -2.75 -0.31
CA LYS B 171 -4.55 -2.15 -1.46
C LYS B 171 -6.07 -2.10 -1.23
N LYS B 172 -6.61 -3.20 -0.71
CA LYS B 172 -8.03 -3.29 -0.42
C LYS B 172 -8.42 -2.29 0.67
N ALA B 173 -7.60 -2.15 1.69
CA ALA B 173 -7.88 -1.23 2.79
C ALA B 173 -7.88 0.24 2.31
N HIS B 174 -6.94 0.55 1.42
CA HIS B 174 -6.81 1.87 0.86
C HIS B 174 -8.06 2.23 0.10
N GLU B 175 -8.60 1.27 -0.67
CA GLU B 175 -9.80 1.52 -1.48
C GLU B 175 -10.96 1.71 -0.54
N ASP B 176 -11.09 0.78 0.40
CA ASP B 176 -12.13 0.82 1.39
C ASP B 176 -12.21 2.18 2.08
N VAL B 177 -11.07 2.75 2.45
CA VAL B 177 -11.06 3.98 3.20
C VAL B 177 -11.51 5.14 2.33
N ILE B 178 -11.00 5.18 1.11
CA ILE B 178 -11.39 6.21 0.15
C ILE B 178 -12.91 6.18 -0.12
N TYR B 179 -13.41 4.97 -0.35
CA TYR B 179 -14.81 4.79 -0.62
C TYR B 179 -15.70 5.24 0.54
N ARG B 180 -15.41 4.78 1.76
CA ARG B 180 -16.30 5.05 2.89
C ARG B 180 -16.20 6.53 3.28
N LEU B 181 -14.99 7.07 3.27
CA LEU B 181 -14.87 8.44 3.72
C LEU B 181 -15.48 9.38 2.68
N SER B 182 -15.34 9.05 1.42
CA SER B 182 -15.97 9.87 0.42
C SER B 182 -17.49 9.96 0.64
N HIS B 183 -18.08 8.89 1.15
CA HIS B 183 -19.51 8.79 1.40
C HIS B 183 -19.91 9.34 2.76
N ALA B 184 -19.02 10.16 3.37
CA ALA B 184 -19.34 10.80 4.66
C ALA B 184 -20.47 11.82 4.49
N THR B 185 -20.72 12.21 3.24
CA THR B 185 -21.82 13.10 2.89
C THR B 185 -23.19 12.40 3.01
N LYS B 186 -23.20 11.12 3.32
CA LYS B 186 -24.43 10.31 3.28
C LYS B 186 -25.61 10.83 4.10
N PHE B 187 -25.39 11.67 5.10
CA PHE B 187 -26.52 12.13 5.93
C PHE B 187 -27.24 13.37 5.40
N LYS B 188 -26.63 14.05 4.45
CA LYS B 188 -27.11 15.33 4.02
C LYS B 188 -27.22 15.43 2.49
N ASP B 189 -26.84 14.36 1.79
CA ASP B 189 -26.85 14.38 0.33
C ASP B 189 -27.26 13.00 -0.18
N PRO B 190 -28.07 12.96 -1.27
CA PRO B 190 -28.66 11.68 -1.71
C PRO B 190 -27.70 10.71 -2.43
N GLU B 191 -26.61 11.22 -3.00
CA GLU B 191 -25.68 10.35 -3.76
C GLU B 191 -25.20 9.14 -2.97
N THR B 192 -25.17 7.98 -3.65
CA THR B 192 -25.01 6.66 -3.03
C THR B 192 -23.56 6.21 -2.93
N GLN B 193 -23.34 5.18 -2.12
CA GLN B 193 -22.01 4.61 -1.97
C GLN B 193 -21.49 4.12 -3.35
N ASN B 194 -22.36 3.38 -4.05
CA ASN B 194 -22.00 2.81 -5.33
C ASN B 194 -21.81 3.83 -6.40
N HIS B 195 -22.43 4.98 -6.26
CA HIS B 195 -22.16 6.04 -7.22
C HIS B 195 -20.72 6.51 -7.10
N ILE B 196 -20.26 6.66 -5.85
CA ILE B 196 -18.91 7.12 -5.55
C ILE B 196 -17.91 6.13 -6.13
N ILE B 197 -18.18 4.84 -5.95
CA ILE B 197 -17.33 3.80 -6.52
C ILE B 197 -17.37 3.79 -8.06
N ARG B 198 -18.60 3.76 -8.62
CA ARG B 198 -18.71 3.61 -10.09
C ARG B 198 -18.03 4.74 -10.85
N VAL B 199 -18.07 5.95 -10.30
CA VAL B 199 -17.51 7.07 -11.01
C VAL B 199 -16.02 6.81 -11.27
N GLY B 200 -15.34 6.20 -10.29
CA GLY B 200 -13.93 5.85 -10.42
C GLY B 200 -13.70 4.72 -11.44
N LEU B 201 -14.56 3.72 -11.38
CA LEU B 201 -14.54 2.61 -12.33
C LEU B 201 -14.74 3.07 -13.79
N TYR B 202 -15.68 3.99 -14.04
CA TYR B 202 -15.82 4.46 -15.44
C TYR B 202 -14.55 5.19 -15.87
N ALA B 203 -14.02 6.02 -14.96
CA ALA B 203 -12.91 6.89 -15.33
C ALA B 203 -11.66 6.04 -15.57
N GLU B 204 -11.60 4.88 -14.89
CA GLU B 204 -10.51 3.90 -15.05
C GLU B 204 -10.48 3.39 -16.49
N ILE B 205 -11.64 2.90 -16.98
CA ILE B 205 -11.78 2.46 -18.38
C ILE B 205 -11.26 3.56 -19.30
N LEU B 206 -11.72 4.76 -19.03
CA LEU B 206 -11.47 5.89 -19.91
C LEU B 206 -9.98 6.19 -20.00
N ALA B 207 -9.31 6.17 -18.85
CA ALA B 207 -7.87 6.47 -18.77
C ALA B 207 -7.05 5.35 -19.40
N ARG B 208 -7.47 4.12 -19.18
CA ARG B 208 -6.85 2.98 -19.81
C ARG B 208 -6.94 3.13 -21.33
N GLU B 209 -8.16 3.30 -21.85
CA GLU B 209 -8.33 3.33 -23.30
C GLU B 209 -7.84 4.62 -23.94
N ALA B 210 -7.50 5.62 -23.13
CA ALA B 210 -6.85 6.84 -23.63
C ALA B 210 -5.34 6.68 -23.66
N GLY B 211 -4.84 5.53 -23.22
CA GLY B 211 -3.41 5.24 -23.26
C GLY B 211 -2.55 5.83 -22.17
N LEU B 212 -3.14 6.17 -21.03
CA LEU B 212 -2.37 6.68 -19.92
C LEU B 212 -1.52 5.58 -19.29
N ASP B 213 -0.47 5.95 -18.56
CA ASP B 213 0.34 4.98 -17.82
C ASP B 213 -0.51 4.16 -16.84
N GLU B 214 -0.14 2.90 -16.65
CA GLU B 214 -0.81 2.04 -15.70
C GLU B 214 -1.02 2.70 -14.31
N GLU B 215 -0.06 3.51 -13.88
CA GLU B 215 -0.15 4.16 -12.58
C GLU B 215 -1.25 5.20 -12.50
N ASP B 216 -1.33 6.05 -13.52
CA ASP B 216 -2.42 7.00 -13.60
C ASP B 216 -3.81 6.37 -13.82
N VAL B 217 -3.87 5.23 -14.50
CA VAL B 217 -5.10 4.48 -14.57
C VAL B 217 -5.54 4.15 -13.14
N GLU B 218 -4.63 3.63 -12.34
CA GLU B 218 -4.94 3.34 -10.94
C GLU B 218 -5.31 4.62 -10.10
N LEU B 219 -4.60 5.71 -10.34
CA LEU B 219 -4.88 6.97 -9.68
C LEU B 219 -6.31 7.50 -9.91
N VAL B 220 -6.73 7.75 -11.18
CA VAL B 220 -8.09 8.21 -11.40
C VAL B 220 -9.09 7.28 -10.78
N LYS B 221 -8.87 5.97 -10.89
CA LYS B 221 -9.84 5.05 -10.31
C LYS B 221 -10.12 5.40 -8.85
N LEU B 222 -9.09 5.93 -8.17
CA LEU B 222 -9.18 6.18 -6.73
C LEU B 222 -9.39 7.67 -6.38
N ALA B 223 -8.93 8.57 -7.24
CA ALA B 223 -9.08 9.99 -7.02
C ALA B 223 -10.50 10.41 -7.34
N ALA B 224 -11.05 9.90 -8.43
CA ALA B 224 -12.33 10.41 -8.91
C ALA B 224 -13.44 10.25 -7.89
N PRO B 225 -13.45 9.14 -7.12
CA PRO B 225 -14.52 8.94 -6.13
C PRO B 225 -14.69 10.07 -5.11
N MET B 226 -13.72 10.99 -5.03
CA MET B 226 -13.68 11.96 -3.94
C MET B 226 -14.17 13.32 -4.43
N HIS B 227 -14.65 13.34 -5.68
CA HIS B 227 -14.94 14.63 -6.37
C HIS B 227 -15.88 15.55 -5.61
N ASP B 228 -16.84 15.01 -4.85
CA ASP B 228 -17.81 15.83 -4.13
C ASP B 228 -17.62 16.03 -2.61
N ILE B 229 -16.45 15.70 -2.06
CA ILE B 229 -16.22 15.75 -0.62
C ILE B 229 -16.46 17.15 -0.03
N GLY B 230 -16.15 18.21 -0.77
CA GLY B 230 -16.42 19.59 -0.34
C GLY B 230 -17.87 19.88 0.09
N LYS B 231 -18.81 19.02 -0.27
CA LYS B 231 -20.17 19.21 0.24
C LYS B 231 -20.27 19.23 1.76
N VAL B 232 -19.28 18.62 2.44
CA VAL B 232 -19.25 18.64 3.91
C VAL B 232 -19.18 20.10 4.45
N GLY B 233 -18.68 21.01 3.62
CA GLY B 233 -18.57 22.43 4.02
C GLY B 233 -19.69 23.36 3.58
N ILE B 234 -20.70 22.83 2.88
CA ILE B 234 -21.86 23.61 2.44
C ILE B 234 -22.88 23.72 3.59
N PRO B 235 -23.41 24.92 3.83
CA PRO B 235 -24.47 25.12 4.85
C PRO B 235 -25.69 24.23 4.61
N ASP B 236 -26.27 23.68 5.67
CA ASP B 236 -27.49 22.88 5.56
C ASP B 236 -28.61 23.56 4.77
N ARG B 237 -28.81 24.87 5.01
CA ARG B 237 -29.90 25.58 4.36
C ARG B 237 -29.76 25.53 2.82
N VAL B 238 -28.55 25.33 2.30
CA VAL B 238 -28.36 25.23 0.88
C VAL B 238 -28.33 23.77 0.45
N LEU B 239 -27.60 22.94 1.17
CA LEU B 239 -27.49 21.53 0.79
C LEU B 239 -28.80 20.77 0.97
N LEU B 240 -29.60 21.12 1.97
CA LEU B 240 -30.76 20.32 2.31
C LEU B 240 -32.08 20.87 1.71
N LYS B 241 -31.95 21.85 0.82
CA LYS B 241 -33.12 22.55 0.26
C LYS B 241 -33.85 21.66 -0.74
N PRO B 242 -35.14 21.38 -0.45
CA PRO B 242 -35.96 20.60 -1.39
C PRO B 242 -36.09 21.33 -2.72
N GLY B 243 -35.96 20.58 -3.81
CA GLY B 243 -36.13 21.10 -5.16
C GLY B 243 -35.05 22.05 -5.63
N LYS B 244 -35.46 23.03 -6.42
CA LYS B 244 -34.53 23.96 -7.05
C LYS B 244 -34.17 25.12 -6.13
N LEU B 245 -33.23 25.93 -6.62
CA LEU B 245 -32.35 26.74 -5.78
C LEU B 245 -32.19 28.16 -6.32
N ASN B 246 -32.22 29.15 -5.44
CA ASN B 246 -32.03 30.53 -5.87
C ASN B 246 -30.58 30.90 -6.24
N ASP B 247 -30.41 32.08 -6.83
CA ASP B 247 -29.12 32.51 -7.36
C ASP B 247 -28.31 33.29 -6.32
N GLU B 248 -28.33 32.81 -5.09
CA GLU B 248 -27.47 33.31 -4.00
C GLU B 248 -26.91 32.04 -3.39
N GLU B 249 -27.82 31.06 -3.33
CA GLU B 249 -27.62 29.74 -2.81
C GLU B 249 -26.81 28.91 -3.81
N TRP B 250 -27.12 29.12 -5.07
CA TRP B 250 -26.40 28.50 -6.16
C TRP B 250 -24.96 28.90 -6.12
N GLU B 251 -24.70 30.15 -5.77
CA GLU B 251 -23.35 30.67 -5.75
C GLU B 251 -22.56 29.96 -4.64
N ILE B 252 -23.28 29.58 -3.57
CA ILE B 252 -22.70 28.85 -2.48
C ILE B 252 -22.54 27.39 -2.86
N MET B 253 -23.58 26.76 -3.37
CA MET B 253 -23.48 25.35 -3.78
C MET B 253 -22.30 25.12 -4.73
N LYS B 254 -22.10 26.06 -5.66
CA LYS B 254 -20.96 25.97 -6.58
C LYS B 254 -19.64 25.78 -5.85
N LYS B 255 -19.55 26.37 -4.66
CA LYS B 255 -18.30 26.43 -3.94
C LYS B 255 -17.84 25.06 -3.42
N HIS B 256 -18.69 24.03 -3.53
CA HIS B 256 -18.27 22.69 -3.10
C HIS B 256 -17.06 22.22 -3.87
N THR B 257 -16.84 22.81 -5.03
CA THR B 257 -15.62 22.52 -5.77
C THR B 257 -14.39 23.08 -5.06
N ILE B 258 -14.44 24.36 -4.69
CA ILE B 258 -13.34 25.03 -3.98
C ILE B 258 -13.09 24.29 -2.65
N TYR B 259 -14.16 23.93 -1.96
CA TYR B 259 -14.03 23.33 -0.64
C TYR B 259 -13.33 21.96 -0.70
N GLY B 260 -13.71 21.16 -1.70
CA GLY B 260 -13.08 19.87 -1.94
C GLY B 260 -11.59 20.07 -2.21
N TYR B 261 -11.27 21.06 -3.03
CA TYR B 261 -9.88 21.38 -3.30
C TYR B 261 -9.17 21.69 -1.99
N GLU B 262 -9.81 22.48 -1.13
CA GLU B 262 -9.22 22.90 0.12
C GLU B 262 -8.90 21.71 1.01
N ILE B 263 -9.76 20.71 0.98
CA ILE B 263 -9.63 19.58 1.86
C ILE B 263 -8.48 18.71 1.36
N LEU B 264 -8.31 18.63 0.05
CA LEU B 264 -7.44 17.64 -0.55
C LEU B 264 -6.04 18.18 -0.93
N LYS B 265 -5.90 19.50 -1.08
CA LYS B 265 -4.66 20.08 -1.62
C LYS B 265 -3.46 19.85 -0.71
N GLY B 266 -3.69 19.65 0.58
CA GLY B 266 -2.57 19.57 1.53
C GLY B 266 -1.84 18.24 1.61
N GLY B 267 -1.78 17.52 0.49
CA GLY B 267 -1.02 16.29 0.38
C GLY B 267 0.28 16.56 -0.34
N ASP B 268 1.10 15.53 -0.45
CA ASP B 268 2.28 15.51 -1.33
C ASP B 268 2.15 14.33 -2.29
N SER B 269 1.30 13.37 -1.95
CA SER B 269 1.15 12.22 -2.81
C SER B 269 0.48 12.62 -4.14
N ARG B 270 0.79 11.88 -5.19
CA ARG B 270 0.23 12.20 -6.48
C ARG B 270 -1.29 12.02 -6.42
N LEU B 271 -1.75 11.00 -5.69
CA LEU B 271 -3.16 10.74 -5.49
C LEU B 271 -3.91 11.98 -5.04
N LEU B 272 -3.41 12.67 -4.03
CA LEU B 272 -4.17 13.80 -3.53
C LEU B 272 -4.08 15.03 -4.40
N GLN B 273 -3.00 15.22 -5.13
CA GLN B 273 -2.90 16.32 -6.07
C GLN B 273 -3.93 16.15 -7.18
N ILE B 274 -4.07 14.92 -7.68
CA ILE B 274 -5.06 14.59 -8.68
C ILE B 274 -6.48 14.70 -8.10
N ALA B 275 -6.70 14.16 -6.90
CA ALA B 275 -8.03 14.23 -6.34
C ALA B 275 -8.46 15.68 -6.13
N ALA B 276 -7.52 16.54 -5.73
CA ALA B 276 -7.78 17.95 -5.49
C ALA B 276 -8.21 18.61 -6.81
N ASP B 277 -7.50 18.26 -7.87
CA ASP B 277 -7.75 18.85 -9.17
C ASP B 277 -9.16 18.45 -9.61
N ILE B 278 -9.48 17.17 -9.47
CA ILE B 278 -10.75 16.66 -9.86
C ILE B 278 -11.87 17.38 -9.08
N ALA B 279 -11.68 17.57 -7.77
CA ALA B 279 -12.72 18.17 -6.94
C ALA B 279 -13.03 19.57 -7.47
N ILE B 280 -11.98 20.32 -7.77
CA ILE B 280 -12.19 21.68 -8.26
C ILE B 280 -12.64 21.78 -9.72
N GLU B 281 -12.36 20.75 -10.55
CA GLU B 281 -12.57 20.83 -12.01
C GLU B 281 -13.83 20.11 -12.52
N HIS B 282 -14.43 19.25 -11.72
CA HIS B 282 -15.42 18.32 -12.25
C HIS B 282 -16.73 18.91 -12.80
N HIS B 283 -16.98 20.20 -12.55
CA HIS B 283 -18.12 20.90 -13.16
C HIS B 283 -17.70 21.89 -14.22
N GLU B 284 -16.40 21.95 -14.51
CA GLU B 284 -15.92 22.73 -15.65
C GLU B 284 -16.34 22.05 -16.98
N ARG B 285 -16.52 22.86 -18.02
CA ARG B 285 -16.98 22.35 -19.30
C ARG B 285 -15.95 22.57 -20.38
N TRP B 286 -15.90 21.64 -21.34
CA TRP B 286 -14.88 21.69 -22.38
C TRP B 286 -14.99 23.04 -23.06
N ASP B 287 -16.24 23.41 -23.33
CA ASP B 287 -16.73 24.76 -23.67
C ASP B 287 -16.01 25.94 -23.07
N GLY B 288 -15.97 25.95 -21.74
CA GLY B 288 -15.62 27.13 -20.96
C GLY B 288 -16.86 27.69 -20.26
N THR B 289 -18.00 27.02 -20.43
CA THR B 289 -19.28 27.49 -19.88
C THR B 289 -19.62 26.84 -18.54
N GLY B 290 -18.65 26.17 -17.93
CA GLY B 290 -18.87 25.57 -16.61
C GLY B 290 -18.42 26.45 -15.47
N TYR B 291 -18.37 25.87 -14.29
CA TYR B 291 -17.94 26.57 -13.09
C TYR B 291 -16.86 25.76 -12.37
N PRO B 292 -16.12 26.39 -11.43
CA PRO B 292 -16.34 27.74 -10.93
C PRO B 292 -15.58 28.83 -11.69
N PHE B 293 -14.72 28.46 -12.63
CA PHE B 293 -13.88 29.48 -13.27
C PHE B 293 -14.09 29.59 -14.77
N GLY B 294 -14.91 28.71 -15.33
CA GLY B 294 -15.11 28.67 -16.77
C GLY B 294 -13.83 28.37 -17.53
N LYS B 295 -13.07 27.40 -17.03
CA LYS B 295 -11.85 26.94 -17.70
C LYS B 295 -12.23 26.27 -19.03
N LYS B 296 -11.32 26.32 -20.00
CA LYS B 296 -11.63 25.88 -21.37
C LYS B 296 -10.62 24.86 -21.91
N GLY B 297 -11.13 23.80 -22.52
CA GLY B 297 -10.29 22.84 -23.20
C GLY B 297 -9.23 22.21 -22.31
N GLU B 298 -7.98 22.30 -22.75
CA GLU B 298 -6.87 21.66 -22.03
C GLU B 298 -6.50 22.39 -20.75
N GLU B 299 -7.09 23.57 -20.54
CA GLU B 299 -6.96 24.26 -19.25
C GLU B 299 -7.51 23.40 -18.11
N ILE B 300 -8.43 22.48 -18.41
CA ILE B 300 -8.89 21.51 -17.43
C ILE B 300 -7.97 20.30 -17.53
N SER B 301 -7.53 19.75 -16.40
CA SER B 301 -6.67 18.57 -16.47
C SER B 301 -7.44 17.33 -16.99
N ILE B 302 -6.72 16.41 -17.60
CA ILE B 302 -7.35 15.25 -18.20
C ILE B 302 -8.19 14.49 -17.15
N TYR B 303 -7.76 14.55 -15.89
CA TYR B 303 -8.45 13.83 -14.82
C TYR B 303 -9.78 14.47 -14.51
N GLY B 304 -9.83 15.80 -14.61
CA GLY B 304 -11.10 16.51 -14.46
C GLY B 304 -12.06 16.20 -15.61
N ARG B 305 -11.49 16.26 -16.83
CA ARG B 305 -12.26 15.97 -18.04
C ARG B 305 -12.81 14.54 -18.01
N MET B 306 -12.02 13.60 -17.52
CA MET B 306 -12.47 12.21 -17.51
C MET B 306 -13.55 12.01 -16.46
N THR B 307 -13.48 12.81 -15.39
CA THR B 307 -14.46 12.69 -14.32
C THR B 307 -15.84 13.28 -14.68
N SER B 308 -15.85 14.45 -15.34
CA SER B 308 -17.14 15.02 -15.84
C SER B 308 -17.90 13.97 -16.61
N ILE B 309 -17.24 13.38 -17.60
CA ILE B 309 -17.89 12.37 -18.43
C ILE B 309 -18.48 11.26 -17.56
N SER B 310 -17.69 10.76 -16.60
CA SER B 310 -18.11 9.64 -15.77
C SER B 310 -19.24 10.04 -14.84
N ASP B 311 -19.13 11.22 -14.27
CA ASP B 311 -20.08 11.67 -13.28
C ASP B 311 -21.43 11.92 -13.96
N VAL B 312 -21.40 12.66 -15.05
CA VAL B 312 -22.64 12.90 -15.76
C VAL B 312 -23.25 11.58 -16.25
N PHE B 313 -22.41 10.67 -16.72
CA PHE B 313 -22.92 9.38 -17.18
C PHE B 313 -23.70 8.66 -16.08
N ASP B 314 -23.16 8.66 -14.87
CA ASP B 314 -23.77 7.92 -13.77
C ASP B 314 -25.06 8.55 -13.30
N ALA B 315 -25.13 9.86 -13.44
CA ALA B 315 -26.30 10.58 -12.95
C ALA B 315 -27.44 10.24 -13.87
N LEU B 316 -27.16 10.31 -15.18
CA LEU B 316 -28.19 10.18 -16.19
C LEU B 316 -28.79 8.78 -16.17
N THR B 317 -28.04 7.84 -15.60
CA THR B 317 -28.45 6.45 -15.65
C THR B 317 -28.99 5.95 -14.33
N SER B 318 -29.33 6.88 -13.44
CA SER B 318 -30.00 6.52 -12.18
C SER B 318 -31.31 7.29 -12.07
N ASP B 319 -32.26 6.74 -11.32
CA ASP B 319 -33.46 7.50 -10.94
C ASP B 319 -33.11 8.72 -10.04
N ARG B 320 -33.65 9.88 -10.41
CA ARG B 320 -33.45 11.10 -9.61
C ARG B 320 -34.78 11.88 -9.55
N PRO B 321 -34.86 12.97 -8.76
CA PRO B 321 -36.19 13.62 -8.61
C PRO B 321 -36.84 13.97 -9.96
N TYR B 322 -38.03 13.41 -10.18
CA TYR B 322 -38.87 13.61 -11.38
C TYR B 322 -38.48 12.81 -12.64
N LYS B 323 -37.29 12.20 -12.64
CA LYS B 323 -36.71 11.66 -13.88
C LYS B 323 -36.21 10.23 -13.74
N LYS B 324 -36.73 9.35 -14.59
CA LYS B 324 -36.30 7.95 -14.64
C LYS B 324 -34.93 7.88 -15.32
N ALA B 325 -34.14 6.89 -14.92
CA ALA B 325 -32.85 6.60 -15.54
C ALA B 325 -32.99 6.50 -17.07
N TRP B 326 -32.10 7.18 -17.78
CA TRP B 326 -31.97 7.04 -19.23
C TRP B 326 -31.46 5.67 -19.62
N ASP B 327 -31.89 5.20 -20.79
CA ASP B 327 -31.38 3.92 -21.31
C ASP B 327 -30.10 4.15 -22.12
N MET B 328 -29.54 3.07 -22.66
CA MET B 328 -28.33 3.24 -23.44
C MET B 328 -28.49 4.15 -24.66
N ASP B 329 -29.50 3.85 -25.48
CA ASP B 329 -29.76 4.62 -26.70
C ASP B 329 -29.87 6.13 -26.48
N ARG B 330 -30.72 6.55 -25.56
CA ARG B 330 -30.80 7.97 -25.21
C ARG B 330 -29.47 8.55 -24.66
N THR B 331 -28.82 7.78 -23.80
CA THR B 331 -27.48 8.17 -23.30
C THR B 331 -26.45 8.44 -24.41
N VAL B 332 -26.37 7.51 -25.36
CA VAL B 332 -25.52 7.68 -26.53
C VAL B 332 -25.93 8.96 -27.32
N ARG B 333 -27.25 9.19 -27.50
CA ARG B 333 -27.68 10.41 -28.21
C ARG B 333 -27.16 11.66 -27.49
N PHE B 334 -27.33 11.69 -26.17
CA PHE B 334 -26.92 12.84 -25.39
C PHE B 334 -25.42 13.12 -25.49
N PHE B 335 -24.61 12.08 -25.31
CA PHE B 335 -23.19 12.27 -25.45
C PHE B 335 -22.74 12.67 -26.82
N LYS B 336 -23.34 12.09 -27.87
CA LYS B 336 -23.02 12.53 -29.23
C LYS B 336 -23.30 14.03 -29.38
N GLU B 337 -24.43 14.47 -28.85
CA GLU B 337 -24.78 15.89 -28.88
C GLU B 337 -23.77 16.77 -28.14
N GLN B 338 -23.36 16.34 -26.95
CA GLN B 338 -22.55 17.15 -26.06
C GLN B 338 -21.04 17.04 -26.28
N LYS B 339 -20.66 16.16 -27.20
CA LYS B 339 -19.29 16.02 -27.69
C LYS B 339 -18.75 17.38 -28.15
N GLY B 340 -17.63 17.82 -27.57
CA GLY B 340 -17.07 19.13 -27.92
C GLY B 340 -17.72 20.31 -27.22
N LYS B 341 -18.71 20.06 -26.36
CA LYS B 341 -19.36 21.13 -25.60
C LYS B 341 -19.12 20.99 -24.12
N HIS B 342 -20.03 20.30 -23.44
CA HIS B 342 -19.82 19.89 -22.07
C HIS B 342 -18.52 19.09 -21.97
N PHE B 343 -18.27 18.21 -22.93
CA PHE B 343 -17.21 17.22 -22.79
C PHE B 343 -16.11 17.25 -23.83
N ASP B 344 -14.93 16.77 -23.42
CA ASP B 344 -13.80 16.49 -24.30
C ASP B 344 -14.24 15.59 -25.47
N PRO B 345 -14.03 16.08 -26.71
CA PRO B 345 -14.52 15.32 -27.86
C PRO B 345 -13.79 13.98 -28.02
N PHE B 346 -12.46 14.03 -27.91
CA PHE B 346 -11.60 12.82 -27.88
C PHE B 346 -12.05 11.83 -26.83
N LEU B 347 -12.20 12.32 -25.60
CA LEU B 347 -12.58 11.43 -24.53
C LEU B 347 -14.02 10.92 -24.70
N THR B 348 -14.85 11.70 -25.38
CA THR B 348 -16.24 11.26 -25.60
C THR B 348 -16.28 10.06 -26.56
N ASP B 349 -15.50 10.14 -27.65
CA ASP B 349 -15.36 8.98 -28.54
C ASP B 349 -14.91 7.71 -27.83
N ILE B 350 -13.88 7.83 -26.95
CA ILE B 350 -13.40 6.65 -26.22
C ILE B 350 -14.56 6.08 -25.41
N PHE B 351 -15.26 6.98 -24.74
CA PHE B 351 -16.34 6.60 -23.86
C PHE B 351 -17.46 5.91 -24.66
N LEU B 352 -17.81 6.48 -25.80
CA LEU B 352 -18.79 5.85 -26.68
C LEU B 352 -18.38 4.46 -27.19
N LYS B 353 -17.09 4.30 -27.55
CA LYS B 353 -16.55 2.98 -27.96
C LYS B 353 -16.73 1.93 -26.87
N ASN B 354 -16.72 2.37 -25.61
CA ASN B 354 -16.69 1.45 -24.50
C ASN B 354 -17.95 1.44 -23.69
N ILE B 355 -19.01 2.00 -24.26
CA ILE B 355 -20.32 2.16 -23.57
C ILE B 355 -20.88 0.88 -22.93
N ASP B 356 -20.57 -0.28 -23.52
CA ASP B 356 -21.07 -1.56 -23.01
C ASP B 356 -20.53 -1.87 -21.62
N GLN B 357 -19.23 -1.65 -21.40
CA GLN B 357 -18.65 -1.90 -20.05
C GLN B 357 -19.16 -0.90 -19.04
N MET B 358 -19.36 0.33 -19.50
CA MET B 358 -19.91 1.38 -18.67
C MET B 358 -21.23 0.87 -18.11
N PHE B 359 -22.07 0.31 -18.97
CA PHE B 359 -23.37 -0.20 -18.55
C PHE B 359 -23.27 -1.48 -17.74
N SER B 360 -22.29 -2.35 -18.00
CA SER B 360 -22.26 -3.59 -17.23
C SER B 360 -21.77 -3.31 -15.80
N ILE B 361 -20.92 -2.30 -15.67
CA ILE B 361 -20.58 -1.76 -14.36
C ILE B 361 -21.84 -1.27 -13.65
N LYS B 362 -22.59 -0.38 -14.31
CA LYS B 362 -23.82 0.16 -13.72
C LYS B 362 -24.82 -0.93 -13.33
N ARG B 363 -24.82 -2.03 -14.09
CA ARG B 363 -25.75 -3.14 -13.87
C ARG B 363 -25.28 -3.98 -12.67
N GLU B 364 -23.99 -4.30 -12.61
CA GLU B 364 -23.42 -5.14 -11.54
C GLU B 364 -23.34 -4.45 -10.16
N LEU B 365 -23.26 -3.12 -10.17
CA LEU B 365 -23.11 -2.34 -8.95
C LEU B 365 -24.23 -1.29 -8.80
N ARG B 366 -25.39 -1.75 -8.30
CA ARG B 366 -26.66 -1.00 -8.29
C ARG B 366 -26.74 0.22 -7.38
#